data_4FLT
#
_entry.id   4FLT
#
_cell.length_a   68.930
_cell.length_b   114.400
_cell.length_c   128.580
_cell.angle_alpha   90.00
_cell.angle_beta   90.00
_cell.angle_gamma   90.00
#
_symmetry.space_group_name_H-M   'P 21 21 21'
#
loop_
_entity.id
_entity.type
_entity.pdbx_description
1 polymer 'DNA polymerase 1'
2 polymer 'Primer strand'
3 polymer 'Template strand'
4 non-polymer 'MAGNESIUM ION'
5 non-polymer '2-(N-MORPHOLINO)-ETHANESULFONIC ACID'
6 non-polymer GLYCEROL
7 water water
#
loop_
_entity_poly.entity_id
_entity_poly.type
_entity_poly.pdbx_seq_one_letter_code
_entity_poly.pdbx_strand_id
1 'polypeptide(L)'
;MGSSHHHHHHSSGLVPAGSHAGMIIDADYITEDGKPIIRIFKKEKGEFKVEYDRTFRPYIYALLKDDSAIDEVKKITAER
HGKIVRITEVEKVQKKFLGRPIEVWKLYLEHPQDVPAIREKIREHPAVVDIFEYDIPFAKRYLIDKGLTPMEGNEELTFL
AVDIETLYHEGEEFGKGPIIMISYADEEGAKVITWKSIDLPYVEVVSSEREMIKRLVKVIREKDPDVIITYNGDNFAFPY
LLKRAEKLGIKLPLGRDNSEPKMQRMGDSLAVEIKGRIHFDLFPVIRRTINLPTYTLEAVYEAIFGKSKEKVYAHEIAEA
WETGKGLERVAKYSMEDAKVTFELGKEFFPMEAQLARLVGQPVWDVSRSSTGNLVEWFLLRKAYERNELAPNKPDEREYE
RRLRESYEGGYVKEPEKGLWEGIVSLDFRSLYPSIIITHNVSPDTLNRENCKEYDVAPQVGHRFCKDFPGFIPSLLGNLL
EERQKIKKRMKESKDPVEKKLLDYRQRAIKILANSYYGYYGYAKARWYCKECAESVTAWGRQYIDLVRRELESRGFKVLY
IDTDGLYATIPGAKHEEIKEKALKFVEYINSKLPGLLELEYEGFYARGFFVTKKKYALIDEEGKIVTRGLEIVRRDWSEI
AKETQAKVLEAILKHGNVDEAVKIVKEVTEKLSKYEIPPEKLVIYEQITRPLSEYKAIGPHVAVAKRLAAKGVKVKPGMV
IGYIVLRGDGPISKRAIAIEEFDPKKHKYDAEYYIENQVLPAVERILRAFGYRKEDLKYQKTKQVGLGAWLKF
;
A
2 'polydeoxyribonucleotide' (DC)(DG)(DA)(DT)(DC)(DA)(DC)(DG)(DG)(DG)(DG) P
3 'polydeoxyribonucleotide' (DG)(DA)(DG)(DT)(DA)(DC)(DG)(DT)(DG)(DA)(DT)(DC)(DG) T
#
# COMPACT_ATOMS: atom_id res chain seq x y z
N ALA A 21 1.78 12.52 30.59
CA ALA A 21 2.04 11.14 30.98
C ALA A 21 1.48 10.09 29.97
N GLY A 22 0.39 10.44 29.25
CA GLY A 22 -0.34 9.57 28.33
C GLY A 22 0.34 9.11 27.07
N MET A 23 -0.33 8.21 26.33
CA MET A 23 0.08 7.66 25.04
C MET A 23 -0.44 8.58 23.92
N ILE A 24 0.45 9.03 23.02
CA ILE A 24 0.04 9.91 21.89
C ILE A 24 -0.50 9.03 20.79
N ILE A 25 -1.73 9.27 20.36
CA ILE A 25 -2.40 8.49 19.31
C ILE A 25 -2.43 9.29 17.97
N ASP A 26 -2.35 10.63 18.04
CA ASP A 26 -2.36 11.50 16.86
C ASP A 26 -2.00 12.92 17.21
N ALA A 27 -1.72 13.69 16.15
CA ALA A 27 -1.43 15.12 16.21
C ALA A 27 -1.90 15.78 14.94
N ASP A 28 -2.36 17.02 15.07
CA ASP A 28 -2.77 17.85 13.94
C ASP A 28 -2.62 19.33 14.34
N TYR A 29 -3.11 20.24 13.49
CA TYR A 29 -3.15 21.64 13.82
C TYR A 29 -4.48 22.23 13.35
N ILE A 30 -4.90 23.26 14.10
CA ILE A 30 -6.07 24.08 13.87
C ILE A 30 -5.53 25.51 13.74
N THR A 31 -6.34 26.39 13.15
CA THR A 31 -5.96 27.79 12.99
C THR A 31 -6.89 28.57 13.88
N GLU A 32 -6.34 29.48 14.68
CA GLU A 32 -7.16 30.29 15.59
C GLU A 32 -6.65 31.70 15.56
N ASP A 33 -7.48 32.63 15.08
CA ASP A 33 -7.13 34.04 14.86
C ASP A 33 -5.97 34.12 13.85
N GLY A 34 -6.02 33.24 12.84
CA GLY A 34 -5.06 33.14 11.76
C GLY A 34 -3.74 32.50 12.10
N LYS A 35 -3.59 32.04 13.34
CA LYS A 35 -2.35 31.44 13.82
C LYS A 35 -2.52 29.96 14.07
N PRO A 36 -1.49 29.16 13.79
CA PRO A 36 -1.60 27.69 14.01
C PRO A 36 -1.49 27.26 15.47
N ILE A 37 -2.31 26.29 15.86
CA ILE A 37 -2.27 25.66 17.18
C ILE A 37 -2.12 24.19 16.97
N ILE A 38 -1.09 23.63 17.55
CA ILE A 38 -0.90 22.19 17.47
C ILE A 38 -1.82 21.51 18.52
N ARG A 39 -2.44 20.37 18.14
CA ARG A 39 -3.24 19.54 19.05
C ARG A 39 -2.61 18.16 19.13
N ILE A 40 -2.33 17.69 20.36
CA ILE A 40 -1.74 16.38 20.62
C ILE A 40 -2.81 15.58 21.28
N PHE A 41 -3.28 14.54 20.57
CA PHE A 41 -4.36 13.68 21.06
C PHE A 41 -3.75 12.52 21.84
N LYS A 42 -4.19 12.40 23.10
CA LYS A 42 -3.64 11.43 24.03
C LYS A 42 -4.69 10.56 24.74
N LYS A 43 -4.25 9.36 25.19
CA LYS A 43 -5.02 8.47 26.04
C LYS A 43 -4.23 8.28 27.35
N GLU A 44 -4.77 8.75 28.47
CA GLU A 44 -4.13 8.68 29.77
C GLU A 44 -5.06 7.94 30.75
N LYS A 45 -4.67 6.69 31.11
CA LYS A 45 -5.40 5.79 32.01
C LYS A 45 -6.89 5.75 31.61
N GLY A 46 -7.15 5.48 30.34
CA GLY A 46 -8.50 5.38 29.78
C GLY A 46 -9.19 6.68 29.42
N GLU A 47 -8.59 7.82 29.73
CA GLU A 47 -9.20 9.12 29.44
C GLU A 47 -8.58 9.79 28.22
N PHE A 48 -9.46 10.37 27.37
CA PHE A 48 -9.08 11.16 26.21
C PHE A 48 -8.64 12.52 26.68
N LYS A 49 -7.47 12.96 26.23
CA LYS A 49 -6.91 14.25 26.60
C LYS A 49 -6.34 14.91 25.37
N VAL A 50 -6.52 16.25 25.27
CA VAL A 50 -5.97 17.09 24.20
C VAL A 50 -5.02 18.09 24.81
N GLU A 51 -3.80 18.16 24.31
CA GLU A 51 -2.88 19.19 24.77
C GLU A 51 -2.76 20.17 23.64
N TYR A 52 -2.70 21.48 23.95
CA TYR A 52 -2.58 22.51 22.91
C TYR A 52 -1.24 23.21 22.97
N ASP A 53 -0.62 23.46 21.81
CA ASP A 53 0.63 24.18 21.74
C ASP A 53 0.54 25.27 20.66
N ARG A 54 0.59 26.52 21.11
CA ARG A 54 0.54 27.71 20.25
C ARG A 54 1.93 28.26 19.87
N THR A 55 3.01 27.71 20.45
CA THR A 55 4.37 28.23 20.34
C THR A 55 5.21 27.70 19.18
N PHE A 56 4.86 26.51 18.60
CA PHE A 56 5.68 25.91 17.55
C PHE A 56 5.55 26.68 16.24
N ARG A 57 6.70 27.09 15.67
CA ARG A 57 6.72 27.88 14.45
C ARG A 57 7.20 27.10 13.21
N PRO A 58 6.47 27.31 12.09
CA PRO A 58 6.90 26.78 10.78
C PRO A 58 8.21 27.40 10.30
N TYR A 59 9.01 26.64 9.53
CA TYR A 59 10.29 27.10 8.99
C TYR A 59 10.77 26.26 7.80
N ILE A 60 11.74 26.81 7.07
CA ILE A 60 12.47 26.22 5.96
C ILE A 60 13.90 26.68 6.13
N TYR A 61 14.84 26.09 5.40
CA TYR A 61 16.24 26.50 5.42
C TYR A 61 16.63 27.02 4.09
N ALA A 62 17.53 27.98 4.04
CA ALA A 62 18.06 28.50 2.78
C ALA A 62 19.55 28.56 2.85
N LEU A 63 20.23 27.89 1.88
CA LEU A 63 21.68 27.95 1.73
C LEU A 63 21.96 29.16 0.85
N LEU A 64 22.70 30.13 1.38
CA LEU A 64 23.00 31.35 0.64
C LEU A 64 24.45 31.33 0.11
N LYS A 65 24.71 32.04 -0.99
CA LYS A 65 26.05 32.15 -1.58
C LYS A 65 26.98 32.85 -0.63
N ASP A 66 26.42 33.81 0.14
CA ASP A 66 27.13 34.65 1.10
C ASP A 66 26.18 35.15 2.20
N ASP A 67 26.73 35.40 3.40
CA ASP A 67 25.98 35.87 4.58
C ASP A 67 25.33 37.24 4.36
N SER A 68 25.97 38.14 3.57
CA SER A 68 25.44 39.47 3.24
C SER A 68 24.05 39.42 2.58
N ALA A 69 23.77 38.32 1.83
CA ALA A 69 22.54 38.04 1.09
C ALA A 69 21.30 37.98 1.98
N ILE A 70 21.44 37.59 3.29
CA ILE A 70 20.30 37.45 4.19
C ILE A 70 19.46 38.72 4.22
N ASP A 71 20.09 39.90 4.07
CA ASP A 71 19.41 41.19 4.12
C ASP A 71 18.39 41.35 2.96
N GLU A 72 18.68 40.78 1.77
CA GLU A 72 17.75 40.80 0.61
C GLU A 72 16.70 39.70 0.73
N VAL A 73 17.13 38.50 1.21
CA VAL A 73 16.33 37.27 1.35
C VAL A 73 15.26 37.42 2.44
N LYS A 74 15.61 37.97 3.63
CA LYS A 74 14.66 38.16 4.73
C LYS A 74 13.52 39.12 4.34
N LYS A 75 13.72 39.91 3.24
CA LYS A 75 12.75 40.91 2.77
C LYS A 75 11.78 40.34 1.64
N ILE A 76 11.96 39.07 1.28
CA ILE A 76 11.09 38.40 0.31
C ILE A 76 9.70 38.25 0.96
N THR A 77 8.64 38.48 0.16
CA THR A 77 7.24 38.35 0.58
C THR A 77 6.43 37.53 -0.45
N ALA A 78 5.19 37.11 -0.07
CA ALA A 78 4.22 36.38 -0.90
C ALA A 78 2.78 36.79 -0.48
N GLU A 79 1.71 36.20 -1.10
CA GLU A 79 0.32 36.49 -0.71
C GLU A 79 -0.44 35.20 -0.37
N ARG A 80 -1.38 35.31 0.57
CA ARG A 80 -2.23 34.23 1.05
C ARG A 80 -3.36 34.81 1.89
N HIS A 81 -4.60 34.30 1.66
CA HIS A 81 -5.81 34.66 2.40
C HIS A 81 -6.01 36.19 2.42
N GLY A 82 -5.69 36.83 1.29
CA GLY A 82 -5.81 38.26 1.11
C GLY A 82 -4.76 39.13 1.79
N LYS A 83 -3.91 38.51 2.62
CA LYS A 83 -2.85 39.20 3.34
C LYS A 83 -1.48 38.86 2.74
N ILE A 84 -0.49 39.71 2.97
CA ILE A 84 0.85 39.45 2.46
C ILE A 84 1.55 38.58 3.47
N VAL A 85 2.42 37.68 2.99
CA VAL A 85 3.17 36.70 3.78
C VAL A 85 4.62 37.18 3.87
N ARG A 86 5.16 37.24 5.08
CA ARG A 86 6.53 37.66 5.35
C ARG A 86 7.30 36.60 6.09
N ILE A 87 8.64 36.67 6.02
CA ILE A 87 9.55 35.84 6.84
C ILE A 87 9.55 36.56 8.22
N THR A 88 9.10 35.88 9.30
CA THR A 88 8.95 36.52 10.61
C THR A 88 10.28 36.70 11.31
N GLU A 89 11.16 35.72 11.20
CA GLU A 89 12.49 35.72 11.81
C GLU A 89 13.41 34.88 10.96
N VAL A 90 14.72 35.20 10.99
CA VAL A 90 15.80 34.46 10.32
C VAL A 90 16.82 34.07 11.40
N GLU A 91 17.48 32.92 11.26
CA GLU A 91 18.47 32.45 12.24
C GLU A 91 19.60 31.70 11.56
N LYS A 92 20.86 32.12 11.73
CA LYS A 92 21.98 31.38 11.12
C LYS A 92 22.26 30.09 11.92
N VAL A 93 22.19 28.92 11.26
CA VAL A 93 22.44 27.68 11.99
C VAL A 93 23.55 26.83 11.33
N GLN A 94 24.21 26.02 12.17
CA GLN A 94 25.27 25.11 11.76
C GLN A 94 24.71 23.71 11.78
N LYS A 95 24.76 23.04 10.62
CA LYS A 95 24.23 21.68 10.48
C LYS A 95 25.21 20.86 9.65
N LYS A 96 24.79 19.65 9.27
CA LYS A 96 25.56 18.78 8.41
C LYS A 96 24.75 18.48 7.18
N PHE A 97 25.39 18.54 6.01
CA PHE A 97 24.80 18.13 4.74
C PHE A 97 25.76 17.16 4.09
N LEU A 98 25.29 15.93 3.81
CA LEU A 98 26.08 14.84 3.22
C LEU A 98 27.40 14.65 3.99
N GLY A 99 27.30 14.55 5.31
CA GLY A 99 28.46 14.37 6.18
C GLY A 99 29.52 15.47 6.12
N ARG A 100 29.07 16.73 5.94
CA ARG A 100 29.94 17.91 5.84
C ARG A 100 29.31 19.06 6.56
N PRO A 101 30.06 19.85 7.38
CA PRO A 101 29.43 21.00 8.06
C PRO A 101 28.97 22.01 7.03
N ILE A 102 27.81 22.60 7.29
CA ILE A 102 27.20 23.58 6.39
C ILE A 102 26.51 24.65 7.24
N GLU A 103 26.46 25.88 6.72
CA GLU A 103 25.79 26.99 7.37
C GLU A 103 24.61 27.41 6.55
N VAL A 104 23.40 27.25 7.13
CA VAL A 104 22.18 27.64 6.43
C VAL A 104 21.42 28.65 7.29
N TRP A 105 20.43 29.29 6.69
CA TRP A 105 19.58 30.23 7.39
C TRP A 105 18.24 29.60 7.59
N LYS A 106 17.80 29.54 8.84
CA LYS A 106 16.49 29.05 9.23
C LYS A 106 15.53 30.22 9.05
N LEU A 107 14.54 30.07 8.15
CA LEU A 107 13.57 31.13 7.87
C LEU A 107 12.22 30.75 8.49
N TYR A 108 11.78 31.53 9.47
CA TYR A 108 10.51 31.30 10.18
C TYR A 108 9.34 31.96 9.47
N LEU A 109 8.16 31.31 9.50
CA LEU A 109 6.92 31.81 8.89
C LEU A 109 5.81 31.72 9.94
N GLU A 110 4.73 32.53 9.82
CA GLU A 110 3.72 32.52 10.87
C GLU A 110 2.85 31.26 10.82
N HIS A 111 2.33 30.95 9.62
CA HIS A 111 1.42 29.83 9.38
C HIS A 111 2.01 28.75 8.45
N PRO A 112 1.73 27.43 8.67
CA PRO A 112 2.21 26.37 7.74
C PRO A 112 1.87 26.62 6.28
N GLN A 113 0.72 27.18 6.01
CA GLN A 113 0.29 27.43 4.65
C GLN A 113 1.09 28.57 4.00
N ASP A 114 1.97 29.26 4.78
CA ASP A 114 2.86 30.31 4.25
C ASP A 114 4.02 29.66 3.45
N VAL A 115 4.43 28.45 3.88
CA VAL A 115 5.53 27.70 3.27
C VAL A 115 5.25 27.41 1.77
N PRO A 116 4.12 26.78 1.30
CA PRO A 116 3.94 26.64 -0.17
C PRO A 116 3.80 27.99 -0.90
N ALA A 117 3.24 29.02 -0.24
CA ALA A 117 3.04 30.35 -0.83
C ALA A 117 4.36 31.11 -1.13
N ILE A 118 5.40 30.97 -0.26
CA ILE A 118 6.65 31.73 -0.36
C ILE A 118 7.86 30.88 -0.84
N ARG A 119 7.92 29.55 -0.60
CA ARG A 119 9.12 28.72 -0.92
C ARG A 119 9.72 28.92 -2.33
N GLU A 120 8.90 28.99 -3.40
CA GLU A 120 9.42 29.18 -4.76
C GLU A 120 10.05 30.57 -4.95
N LYS A 121 9.53 31.61 -4.25
CA LYS A 121 10.06 32.98 -4.29
C LYS A 121 11.41 33.08 -3.54
N ILE A 122 11.69 32.14 -2.63
CA ILE A 122 12.98 32.18 -1.95
C ILE A 122 13.97 31.42 -2.85
N ARG A 123 13.55 30.24 -3.33
CA ARG A 123 14.35 29.40 -4.21
C ARG A 123 14.82 30.14 -5.48
N GLU A 124 13.97 31.01 -6.07
CA GLU A 124 14.26 31.76 -7.30
C GLU A 124 15.33 32.85 -7.12
N HIS A 125 15.55 33.31 -5.87
CA HIS A 125 16.49 34.39 -5.60
C HIS A 125 17.94 34.04 -6.02
N PRO A 126 18.63 34.98 -6.74
CA PRO A 126 20.00 34.69 -7.24
C PRO A 126 21.05 34.39 -6.16
N ALA A 127 20.80 34.83 -4.93
CA ALA A 127 21.72 34.62 -3.84
C ALA A 127 21.43 33.30 -3.10
N VAL A 128 20.31 32.63 -3.42
CA VAL A 128 19.91 31.38 -2.76
C VAL A 128 20.40 30.17 -3.58
N VAL A 129 21.31 29.35 -2.97
CA VAL A 129 21.91 28.16 -3.58
C VAL A 129 20.83 27.06 -3.69
N ASP A 130 20.10 26.81 -2.58
CA ASP A 130 18.99 25.86 -2.51
C ASP A 130 18.25 26.14 -1.23
N ILE A 131 17.04 25.56 -1.13
CA ILE A 131 16.17 25.59 0.05
C ILE A 131 15.98 24.15 0.50
N PHE A 132 15.66 23.96 1.78
CA PHE A 132 15.56 22.61 2.35
C PHE A 132 14.40 22.49 3.31
N GLU A 133 13.91 21.25 3.53
CA GLU A 133 12.87 20.89 4.51
C GLU A 133 11.67 21.83 4.39
N TYR A 134 11.19 22.02 3.14
CA TYR A 134 10.08 22.92 2.80
C TYR A 134 8.74 22.16 2.48
N ASP A 135 8.69 20.86 2.71
CA ASP A 135 7.51 20.05 2.41
C ASP A 135 7.24 19.01 3.51
N ILE A 136 7.59 19.29 4.76
CA ILE A 136 7.30 18.40 5.88
C ILE A 136 6.01 18.88 6.54
N PRO A 137 4.89 18.10 6.60
CA PRO A 137 3.65 18.64 7.24
C PRO A 137 3.87 19.05 8.69
N PHE A 138 3.25 20.17 9.09
CA PHE A 138 3.40 20.80 10.41
C PHE A 138 3.26 19.83 11.55
N ALA A 139 2.22 19.00 11.59
CA ALA A 139 2.04 18.05 12.69
C ALA A 139 3.16 16.99 12.72
N LYS A 140 3.74 16.62 11.56
CA LYS A 140 4.85 15.67 11.49
C LYS A 140 6.15 16.38 11.88
N ARG A 141 6.31 17.65 11.44
CA ARG A 141 7.41 18.51 11.82
C ARG A 141 7.41 18.68 13.35
N TYR A 142 6.22 18.85 13.96
CA TYR A 142 6.08 19.02 15.42
C TYR A 142 6.55 17.81 16.21
N LEU A 143 6.07 16.60 15.86
CA LEU A 143 6.43 15.37 16.55
C LEU A 143 7.94 15.08 16.48
N ILE A 144 8.60 15.42 15.34
CA ILE A 144 10.04 15.21 15.14
C ILE A 144 10.82 16.19 16.02
N ASP A 145 10.59 17.50 15.81
CA ASP A 145 11.31 18.58 16.48
C ASP A 145 11.18 18.55 18.01
N LYS A 146 10.03 18.06 18.50
CA LYS A 146 9.78 18.00 19.94
C LYS A 146 10.17 16.65 20.57
N GLY A 147 10.68 15.73 19.75
CA GLY A 147 11.06 14.38 20.17
C GLY A 147 9.89 13.54 20.69
N LEU A 148 8.71 13.69 20.08
CA LEU A 148 7.50 13.01 20.53
C LEU A 148 7.20 11.80 19.67
N THR A 149 6.95 10.66 20.34
CA THR A 149 6.70 9.39 19.70
C THR A 149 5.32 8.85 20.02
N PRO A 150 4.48 8.62 18.98
CA PRO A 150 3.14 8.07 19.20
C PRO A 150 3.17 6.62 19.65
N MET A 151 2.11 6.15 20.31
CA MET A 151 1.91 4.74 20.70
C MET A 151 2.94 4.19 21.72
N GLU A 152 3.43 5.03 22.63
CA GLU A 152 4.34 4.57 23.67
C GLU A 152 3.55 4.15 24.87
N GLY A 153 4.02 3.13 25.57
CA GLY A 153 3.32 2.67 26.76
C GLY A 153 2.42 1.45 26.55
N ASN A 154 1.71 1.07 27.60
CA ASN A 154 0.85 -0.11 27.65
C ASN A 154 -0.63 0.31 27.74
N GLU A 155 -0.93 1.56 27.32
CA GLU A 155 -2.26 2.14 27.29
C GLU A 155 -3.16 1.30 26.34
N GLU A 156 -4.30 0.79 26.85
CA GLU A 156 -5.21 -0.04 26.07
C GLU A 156 -6.26 0.85 25.41
N LEU A 157 -6.34 0.76 24.08
CA LEU A 157 -7.28 1.49 23.26
C LEU A 157 -8.57 0.71 23.08
N THR A 158 -9.67 1.41 22.73
CA THR A 158 -10.96 0.78 22.46
C THR A 158 -11.23 0.80 20.97
N PHE A 159 -11.87 -0.24 20.47
CA PHE A 159 -12.10 -0.42 19.05
C PHE A 159 -13.57 -0.61 18.73
N LEU A 160 -13.98 -0.09 17.56
CA LEU A 160 -15.31 -0.28 16.99
C LEU A 160 -15.21 -0.45 15.50
N ALA A 161 -15.72 -1.56 14.95
CA ALA A 161 -15.72 -1.77 13.50
C ALA A 161 -17.01 -1.17 12.96
N VAL A 162 -16.96 -0.53 11.77
CA VAL A 162 -18.13 0.09 11.13
C VAL A 162 -18.17 -0.34 9.66
N ASP A 163 -19.36 -0.60 9.16
CA ASP A 163 -19.57 -0.99 7.76
C ASP A 163 -20.97 -0.56 7.34
N ILE A 164 -21.22 -0.44 6.02
CA ILE A 164 -22.54 -0.06 5.50
C ILE A 164 -22.93 -0.95 4.32
N GLU A 165 -24.22 -1.06 4.05
CA GLU A 165 -24.73 -1.71 2.85
C GLU A 165 -25.56 -0.68 2.14
N THR A 166 -25.49 -0.64 0.81
CA THR A 166 -26.23 0.33 -0.01
C THR A 166 -27.05 -0.35 -1.12
N LEU A 167 -27.95 0.41 -1.72
CA LEU A 167 -28.75 -0.01 -2.87
C LEU A 167 -28.04 0.47 -4.15
N TYR A 168 -27.42 -0.47 -4.90
CA TYR A 168 -26.66 -0.16 -6.12
C TYR A 168 -27.20 -0.87 -7.35
N HIS A 169 -27.26 -0.15 -8.48
CA HIS A 169 -27.64 -0.64 -9.81
C HIS A 169 -26.50 -0.30 -10.73
N GLU A 170 -26.12 -1.22 -11.61
CA GLU A 170 -24.99 -1.09 -12.51
C GLU A 170 -24.96 0.27 -13.20
N GLY A 171 -23.79 0.93 -13.08
CA GLY A 171 -23.48 2.21 -13.71
C GLY A 171 -24.04 3.47 -13.10
N GLU A 172 -24.59 3.41 -11.89
CA GLU A 172 -25.16 4.56 -11.18
C GLU A 172 -24.08 5.50 -10.71
N GLU A 173 -24.40 6.80 -10.61
CA GLU A 173 -23.49 7.78 -10.02
C GLU A 173 -23.26 7.42 -8.56
N PHE A 174 -22.06 7.69 -8.02
CA PHE A 174 -21.73 7.36 -6.64
C PHE A 174 -22.69 8.08 -5.67
N GLY A 175 -23.31 7.30 -4.78
CA GLY A 175 -24.23 7.85 -3.78
C GLY A 175 -25.65 8.03 -4.23
N LYS A 176 -26.03 7.56 -5.46
CA LYS A 176 -27.41 7.70 -5.97
C LYS A 176 -28.43 6.95 -5.08
N GLY A 177 -28.13 5.69 -4.80
CA GLY A 177 -29.01 4.86 -4.00
C GLY A 177 -28.82 5.09 -2.52
N PRO A 178 -29.82 4.82 -1.69
CA PRO A 178 -29.64 5.07 -0.25
C PRO A 178 -28.75 4.01 0.41
N ILE A 179 -28.31 4.33 1.62
CA ILE A 179 -27.63 3.39 2.48
C ILE A 179 -28.80 2.62 3.07
N ILE A 180 -28.77 1.30 3.00
CA ILE A 180 -29.92 0.54 3.46
C ILE A 180 -29.67 -0.13 4.79
N MET A 181 -28.40 -0.29 5.17
CA MET A 181 -27.96 -0.86 6.46
C MET A 181 -26.66 -0.26 6.90
N ILE A 182 -26.46 -0.20 8.22
CA ILE A 182 -25.22 0.25 8.86
C ILE A 182 -24.94 -0.78 9.93
N SER A 183 -23.79 -1.39 9.90
CA SER A 183 -23.43 -2.37 10.88
C SER A 183 -22.18 -1.92 11.59
N TYR A 184 -22.09 -2.33 12.84
CA TYR A 184 -20.96 -2.08 13.72
C TYR A 184 -20.73 -3.31 14.59
N ALA A 185 -19.52 -3.44 15.14
CA ALA A 185 -19.15 -4.54 15.97
C ALA A 185 -18.02 -4.17 16.85
N ASP A 186 -18.04 -4.71 18.05
CA ASP A 186 -17.00 -4.61 19.07
C ASP A 186 -17.11 -5.91 19.91
N GLU A 187 -16.57 -5.95 21.14
CA GLU A 187 -16.59 -7.17 21.96
C GLU A 187 -17.97 -7.49 22.49
N GLU A 188 -18.90 -6.51 22.50
CA GLU A 188 -20.29 -6.67 22.96
C GLU A 188 -21.17 -7.35 21.88
N GLY A 189 -20.62 -7.55 20.70
CA GLY A 189 -21.31 -8.20 19.59
C GLY A 189 -21.36 -7.39 18.33
N ALA A 190 -21.89 -7.99 17.25
CA ALA A 190 -22.08 -7.35 15.96
C ALA A 190 -23.57 -6.97 15.82
N LYS A 191 -23.87 -5.72 15.36
CA LYS A 191 -25.24 -5.22 15.26
C LYS A 191 -25.53 -4.61 13.90
N VAL A 192 -26.81 -4.61 13.48
CA VAL A 192 -27.25 -4.03 12.21
C VAL A 192 -28.36 -2.99 12.47
N ILE A 193 -28.25 -1.81 11.81
CA ILE A 193 -29.26 -0.77 11.86
C ILE A 193 -29.79 -0.69 10.47
N THR A 194 -31.13 -0.84 10.32
CA THR A 194 -31.77 -0.83 9.01
C THR A 194 -33.13 -0.15 9.10
N TRP A 195 -33.65 0.33 7.95
CA TRP A 195 -34.91 1.07 7.94
C TRP A 195 -36.05 0.30 7.23
N LYS A 196 -35.89 -1.04 7.17
CA LYS A 196 -36.91 -2.01 6.70
C LYS A 196 -37.00 -3.13 7.73
N SER A 197 -38.20 -3.64 7.94
CA SER A 197 -38.48 -4.65 8.97
C SER A 197 -37.81 -6.03 8.68
N ILE A 198 -36.84 -6.39 9.51
CA ILE A 198 -36.12 -7.67 9.44
C ILE A 198 -36.14 -8.22 10.86
N ASP A 199 -36.62 -9.46 11.05
CA ASP A 199 -36.74 -10.00 12.38
C ASP A 199 -35.57 -10.92 12.75
N LEU A 200 -34.47 -10.29 13.21
CA LEU A 200 -33.25 -10.97 13.68
C LEU A 200 -32.83 -10.32 15.00
N PRO A 201 -32.20 -11.06 15.94
CA PRO A 201 -31.90 -10.47 17.25
C PRO A 201 -30.94 -9.28 17.23
N TYR A 202 -30.02 -9.22 16.25
CA TYR A 202 -29.02 -8.17 16.18
C TYR A 202 -29.42 -7.03 15.25
N VAL A 203 -30.69 -7.00 14.81
CA VAL A 203 -31.17 -5.97 13.88
C VAL A 203 -32.05 -4.97 14.62
N GLU A 204 -31.68 -3.67 14.53
CA GLU A 204 -32.44 -2.55 15.07
C GLU A 204 -33.11 -1.90 13.89
N VAL A 205 -34.47 -1.92 13.88
CA VAL A 205 -35.24 -1.33 12.78
C VAL A 205 -35.61 0.10 13.14
N VAL A 206 -35.21 1.08 12.30
CA VAL A 206 -35.47 2.50 12.45
C VAL A 206 -36.35 2.95 11.31
N SER A 207 -36.87 4.18 11.37
CA SER A 207 -37.89 4.62 10.41
C SER A 207 -37.38 5.00 9.02
N SER A 208 -36.16 5.55 8.89
CA SER A 208 -35.67 6.03 7.61
C SER A 208 -34.16 5.95 7.52
N GLU A 209 -33.60 6.29 6.34
CA GLU A 209 -32.17 6.33 6.11
C GLU A 209 -31.59 7.37 7.03
N ARG A 210 -32.25 8.54 7.11
CA ARG A 210 -31.87 9.64 7.98
C ARG A 210 -31.74 9.17 9.44
N GLU A 211 -32.79 8.44 9.95
CA GLU A 211 -32.77 7.97 11.32
C GLU A 211 -31.68 6.90 11.56
N MET A 212 -31.34 6.10 10.53
CA MET A 212 -30.32 5.07 10.63
C MET A 212 -28.94 5.70 10.77
N ILE A 213 -28.63 6.74 9.94
CA ILE A 213 -27.36 7.45 9.96
C ILE A 213 -27.24 8.18 11.33
N LYS A 214 -28.34 8.81 11.81
CA LYS A 214 -28.29 9.48 13.10
C LYS A 214 -28.07 8.45 14.23
N ARG A 215 -28.58 7.20 14.07
CA ARG A 215 -28.32 6.14 15.06
C ARG A 215 -26.83 5.74 15.07
N LEU A 216 -26.15 5.73 13.89
CA LEU A 216 -24.73 5.41 13.81
C LEU A 216 -23.94 6.47 14.56
N VAL A 217 -24.32 7.73 14.36
CA VAL A 217 -23.70 8.88 15.04
C VAL A 217 -23.80 8.68 16.54
N LYS A 218 -24.98 8.29 17.04
CA LYS A 218 -25.22 8.08 18.49
C LYS A 218 -24.32 6.96 19.04
N VAL A 219 -24.28 5.80 18.36
CA VAL A 219 -23.46 4.63 18.72
C VAL A 219 -22.00 5.05 18.87
N ILE A 220 -21.46 5.74 17.87
CA ILE A 220 -20.05 6.17 17.86
C ILE A 220 -19.81 7.17 19.01
N ARG A 221 -20.71 8.16 19.22
CA ARG A 221 -20.54 9.13 20.29
C ARG A 221 -20.65 8.46 21.67
N GLU A 222 -21.54 7.47 21.83
CA GLU A 222 -21.74 6.79 23.12
C GLU A 222 -20.64 5.76 23.42
N LYS A 223 -20.26 4.93 22.43
CA LYS A 223 -19.18 3.95 22.60
C LYS A 223 -17.80 4.65 22.71
N ASP A 224 -17.68 5.87 22.15
CA ASP A 224 -16.47 6.70 22.14
C ASP A 224 -15.19 5.85 21.82
N PRO A 225 -15.16 5.12 20.69
CA PRO A 225 -13.99 4.30 20.41
C PRO A 225 -12.77 5.14 20.04
N ASP A 226 -11.59 4.67 20.44
CA ASP A 226 -10.35 5.32 20.06
C ASP A 226 -10.03 5.02 18.62
N VAL A 227 -10.43 3.80 18.17
CA VAL A 227 -10.15 3.29 16.85
C VAL A 227 -11.43 2.86 16.15
N ILE A 228 -11.70 3.46 14.98
CA ILE A 228 -12.82 3.06 14.11
C ILE A 228 -12.23 2.22 13.00
N ILE A 229 -12.55 0.91 12.99
CA ILE A 229 -12.05 -0.05 12.01
C ILE A 229 -13.02 -0.17 10.86
N THR A 230 -12.53 -0.07 9.63
CA THR A 230 -13.35 -0.26 8.43
C THR A 230 -12.61 -1.15 7.46
N TYR A 231 -13.34 -1.63 6.45
CA TYR A 231 -12.74 -2.35 5.35
C TYR A 231 -13.05 -1.51 4.12
N ASN A 232 -12.04 -0.74 3.64
CA ASN A 232 -12.17 0.19 2.51
C ASN A 232 -13.12 1.36 2.88
N GLY A 233 -13.06 1.80 4.13
CA GLY A 233 -13.87 2.94 4.56
C GLY A 233 -13.39 4.25 3.97
N ASP A 234 -12.12 4.34 3.63
CA ASP A 234 -11.51 5.52 3.01
C ASP A 234 -12.14 5.84 1.70
N ASN A 235 -12.41 4.80 0.88
CA ASN A 235 -12.90 4.95 -0.46
C ASN A 235 -14.31 4.43 -0.68
N PHE A 236 -15.04 4.00 0.38
CA PHE A 236 -16.44 3.61 0.20
C PHE A 236 -17.32 4.03 1.38
N ALA A 237 -17.30 3.29 2.52
CA ALA A 237 -18.19 3.58 3.66
C ALA A 237 -18.28 5.05 4.01
N PHE A 238 -17.13 5.73 4.27
CA PHE A 238 -17.18 7.13 4.72
C PHE A 238 -17.51 8.10 3.58
N PRO A 239 -16.93 8.05 2.35
CA PRO A 239 -17.39 9.01 1.32
C PRO A 239 -18.89 8.84 1.04
N TYR A 240 -19.43 7.58 1.13
CA TYR A 240 -20.84 7.29 0.88
C TYR A 240 -21.71 7.90 2.00
N LEU A 241 -21.33 7.71 3.28
CA LEU A 241 -22.02 8.30 4.43
C LEU A 241 -22.04 9.83 4.30
N LEU A 242 -20.91 10.44 3.89
CA LEU A 242 -20.83 11.88 3.73
C LEU A 242 -21.73 12.36 2.59
N LYS A 243 -21.82 11.60 1.46
CA LYS A 243 -22.69 11.94 0.32
C LYS A 243 -24.16 11.92 0.72
N ARG A 244 -24.59 10.84 1.40
CA ARG A 244 -25.97 10.69 1.84
C ARG A 244 -26.32 11.67 2.98
N ALA A 245 -25.39 11.99 3.89
CA ALA A 245 -25.65 12.95 4.95
C ALA A 245 -25.88 14.36 4.37
N GLU A 246 -25.09 14.69 3.31
CA GLU A 246 -25.19 15.96 2.57
C GLU A 246 -26.56 16.03 1.91
N LYS A 247 -26.94 14.91 1.24
CA LYS A 247 -28.20 14.76 0.55
C LYS A 247 -29.35 15.04 1.52
N LEU A 248 -29.32 14.34 2.66
CA LEU A 248 -30.34 14.35 3.71
C LEU A 248 -30.23 15.57 4.64
N GLY A 249 -29.20 16.40 4.45
CA GLY A 249 -28.98 17.61 5.23
C GLY A 249 -28.76 17.36 6.71
N ILE A 250 -27.94 16.36 7.04
CA ILE A 250 -27.66 16.04 8.44
C ILE A 250 -26.15 16.03 8.62
N LYS A 251 -25.70 16.32 9.85
CA LYS A 251 -24.30 16.37 10.19
C LYS A 251 -23.85 15.02 10.75
N LEU A 252 -22.53 14.71 10.64
CA LEU A 252 -21.92 13.50 11.19
C LEU A 252 -20.86 13.88 12.22
N PRO A 253 -21.25 14.38 13.44
CA PRO A 253 -20.22 14.81 14.42
C PRO A 253 -19.52 13.62 15.09
N LEU A 254 -18.65 12.95 14.30
CA LEU A 254 -17.91 11.74 14.70
C LEU A 254 -16.56 12.03 15.32
N GLY A 255 -16.05 13.23 15.08
CA GLY A 255 -14.81 13.71 15.69
C GLY A 255 -15.02 13.94 17.17
N ARG A 256 -13.93 13.80 17.99
CA ARG A 256 -14.06 14.00 19.45
C ARG A 256 -14.22 15.50 19.78
N ASP A 257 -14.04 16.36 18.77
CA ASP A 257 -14.20 17.80 18.84
C ASP A 257 -15.50 18.18 18.10
N ASN A 258 -16.36 17.14 17.82
CA ASN A 258 -17.66 17.19 17.09
C ASN A 258 -17.50 17.48 15.59
N SER A 259 -16.29 17.36 15.04
CA SER A 259 -16.07 17.63 13.63
C SER A 259 -16.55 16.45 12.79
N GLU A 260 -16.74 16.69 11.50
CA GLU A 260 -17.21 15.67 10.58
C GLU A 260 -16.05 14.83 10.06
N PRO A 261 -16.24 13.57 9.57
CA PRO A 261 -15.09 12.84 9.01
C PRO A 261 -14.50 13.65 7.85
N LYS A 262 -13.16 13.72 7.75
CA LYS A 262 -12.50 14.56 6.76
C LYS A 262 -11.79 13.72 5.70
N MET A 263 -12.23 13.94 4.43
CA MET A 263 -11.74 13.30 3.23
C MET A 263 -10.52 14.02 2.73
N GLN A 264 -9.40 13.32 2.67
CA GLN A 264 -8.11 13.82 2.18
C GLN A 264 -7.79 13.09 0.91
N ARG A 265 -7.45 13.84 -0.16
CA ARG A 265 -7.08 13.24 -1.44
C ARG A 265 -5.68 12.73 -1.30
N MET A 266 -5.52 11.40 -1.19
CA MET A 266 -4.22 10.75 -1.04
C MET A 266 -3.94 9.99 -2.31
N GLY A 267 -3.22 10.64 -3.22
CA GLY A 267 -2.93 10.11 -4.54
C GLY A 267 -4.13 10.26 -5.46
N ASP A 268 -4.40 9.21 -6.25
CA ASP A 268 -5.55 9.18 -7.16
C ASP A 268 -6.84 8.80 -6.37
N SER A 269 -6.69 8.35 -5.11
CA SER A 269 -7.78 7.90 -4.24
C SER A 269 -7.99 8.82 -2.99
N LEU A 270 -8.73 8.32 -1.98
CA LEU A 270 -9.06 9.09 -0.78
C LEU A 270 -8.58 8.41 0.48
N ALA A 271 -8.48 9.20 1.55
CA ALA A 271 -8.24 8.75 2.93
C ALA A 271 -9.13 9.60 3.84
N VAL A 272 -9.75 8.98 4.82
CA VAL A 272 -10.67 9.67 5.71
C VAL A 272 -10.11 9.69 7.14
N GLU A 273 -10.14 10.85 7.76
CA GLU A 273 -9.73 10.98 9.14
C GLU A 273 -10.91 11.41 10.01
N ILE A 274 -10.93 10.91 11.26
CA ILE A 274 -11.91 11.23 12.30
C ILE A 274 -11.09 11.75 13.46
N LYS A 275 -11.18 13.07 13.70
CA LYS A 275 -10.40 13.79 14.70
C LYS A 275 -10.60 13.23 16.11
N GLY A 276 -9.49 13.06 16.81
CA GLY A 276 -9.47 12.53 18.16
C GLY A 276 -9.44 11.02 18.22
N ARG A 277 -9.61 10.37 17.05
CA ARG A 277 -9.65 8.91 16.86
C ARG A 277 -8.67 8.46 15.81
N ILE A 278 -8.54 7.14 15.68
CA ILE A 278 -7.74 6.53 14.62
C ILE A 278 -8.71 5.85 13.67
N HIS A 279 -8.87 6.39 12.43
CA HIS A 279 -9.67 5.67 11.45
C HIS A 279 -8.74 4.63 10.84
N PHE A 280 -8.89 3.39 11.30
CA PHE A 280 -8.03 2.33 10.83
C PHE A 280 -8.70 1.59 9.68
N ASP A 281 -8.28 1.91 8.43
CA ASP A 281 -8.81 1.22 7.25
C ASP A 281 -7.92 0.05 7.03
N LEU A 282 -8.50 -1.16 7.13
CA LEU A 282 -7.74 -2.41 6.96
C LEU A 282 -7.26 -2.65 5.54
N PHE A 283 -7.97 -2.13 4.53
CA PHE A 283 -7.64 -2.40 3.13
C PHE A 283 -6.19 -2.04 2.78
N PRO A 284 -5.62 -0.82 3.01
CA PRO A 284 -4.20 -0.61 2.66
C PRO A 284 -3.25 -1.44 3.51
N VAL A 285 -3.62 -1.66 4.79
CA VAL A 285 -2.84 -2.44 5.74
C VAL A 285 -2.61 -3.87 5.21
N ILE A 286 -3.70 -4.62 4.95
CA ILE A 286 -3.64 -6.03 4.57
C ILE A 286 -3.00 -6.20 3.19
N ARG A 287 -3.30 -5.30 2.26
CA ARG A 287 -2.73 -5.28 0.91
C ARG A 287 -1.18 -5.31 0.94
N ARG A 288 -0.53 -4.70 1.96
CA ARG A 288 0.93 -4.68 2.15
C ARG A 288 1.47 -5.91 2.86
N THR A 289 0.73 -6.39 3.86
CA THR A 289 1.17 -7.47 4.73
C THR A 289 1.16 -8.84 4.05
N ILE A 290 0.11 -9.17 3.29
CA ILE A 290 0.01 -10.50 2.69
C ILE A 290 -0.17 -10.40 1.17
N ASN A 291 0.04 -11.53 0.48
CA ASN A 291 -0.10 -11.69 -0.97
C ASN A 291 -1.40 -12.45 -1.29
N LEU A 292 -2.29 -11.79 -2.01
CA LEU A 292 -3.55 -12.34 -2.49
C LEU A 292 -3.81 -11.82 -3.88
N PRO A 293 -4.37 -12.60 -4.81
CA PRO A 293 -4.66 -12.03 -6.14
C PRO A 293 -5.75 -10.93 -6.04
N THR A 294 -6.71 -11.09 -5.11
CA THR A 294 -7.78 -10.12 -4.86
C THR A 294 -8.01 -9.98 -3.32
N TYR A 295 -8.01 -8.73 -2.84
CA TYR A 295 -8.18 -8.45 -1.42
C TYR A 295 -9.63 -8.13 -1.09
N THR A 296 -10.52 -9.08 -1.38
CA THR A 296 -11.90 -8.91 -0.93
C THR A 296 -11.90 -9.25 0.56
N LEU A 297 -12.90 -8.76 1.32
CA LEU A 297 -12.95 -9.08 2.74
C LEU A 297 -13.03 -10.60 2.96
N GLU A 298 -13.81 -11.30 2.11
CA GLU A 298 -14.01 -12.74 2.20
C GLU A 298 -12.69 -13.48 1.93
N ALA A 299 -11.89 -13.02 0.95
CA ALA A 299 -10.61 -13.67 0.64
C ALA A 299 -9.59 -13.40 1.76
N VAL A 300 -9.61 -12.18 2.33
CA VAL A 300 -8.73 -11.74 3.40
C VAL A 300 -9.03 -12.52 4.70
N TYR A 301 -10.31 -12.59 5.10
CA TYR A 301 -10.75 -13.29 6.30
C TYR A 301 -10.29 -14.76 6.29
N GLU A 302 -10.48 -15.46 5.15
CA GLU A 302 -10.12 -16.86 4.95
C GLU A 302 -8.60 -17.06 5.01
N ALA A 303 -7.82 -16.19 4.39
CA ALA A 303 -6.36 -16.25 4.39
C ALA A 303 -5.77 -16.17 5.82
N ILE A 304 -6.38 -15.37 6.71
CA ILE A 304 -5.90 -15.14 8.09
C ILE A 304 -6.54 -16.09 9.10
N PHE A 305 -7.86 -16.32 9.04
CA PHE A 305 -8.50 -17.16 10.06
C PHE A 305 -8.83 -18.61 9.61
N GLY A 306 -8.59 -18.95 8.33
CA GLY A 306 -8.81 -20.28 7.78
C GLY A 306 -10.26 -20.73 7.78
N LYS A 307 -11.19 -19.76 7.70
CA LYS A 307 -12.64 -19.98 7.67
C LYS A 307 -13.26 -19.28 6.47
N SER A 308 -14.26 -19.92 5.83
CA SER A 308 -14.96 -19.34 4.69
C SER A 308 -15.98 -18.28 5.16
N LYS A 309 -16.16 -17.22 4.33
CA LYS A 309 -17.13 -16.16 4.57
C LYS A 309 -17.94 -16.00 3.31
N GLU A 310 -19.28 -16.06 3.41
CA GLU A 310 -20.09 -15.91 2.20
C GLU A 310 -20.15 -14.45 1.72
N LYS A 311 -20.08 -14.22 0.39
CA LYS A 311 -20.26 -12.91 -0.22
C LYS A 311 -21.69 -12.83 -0.78
N VAL A 312 -22.42 -11.75 -0.47
CA VAL A 312 -23.74 -11.46 -1.01
C VAL A 312 -23.51 -10.26 -1.91
N TYR A 313 -23.63 -10.46 -3.22
CA TYR A 313 -23.29 -9.44 -4.22
C TYR A 313 -24.30 -8.30 -4.27
N ALA A 314 -23.87 -7.16 -4.82
CA ALA A 314 -24.67 -5.93 -4.93
C ALA A 314 -26.01 -6.18 -5.58
N HIS A 315 -26.07 -6.99 -6.66
CA HIS A 315 -27.35 -7.26 -7.33
C HIS A 315 -28.28 -8.07 -6.42
N GLU A 316 -27.76 -9.00 -5.60
CA GLU A 316 -28.59 -9.79 -4.69
C GLU A 316 -29.17 -8.90 -3.59
N ILE A 317 -28.37 -7.91 -3.12
CA ILE A 317 -28.72 -6.94 -2.09
C ILE A 317 -29.85 -6.04 -2.63
N ALA A 318 -29.66 -5.46 -3.82
CA ALA A 318 -30.66 -4.63 -4.48
C ALA A 318 -31.97 -5.38 -4.68
N GLU A 319 -31.89 -6.66 -5.15
CA GLU A 319 -33.10 -7.47 -5.39
C GLU A 319 -33.88 -7.70 -4.10
N ALA A 320 -33.19 -8.04 -2.99
CA ALA A 320 -33.83 -8.31 -1.71
C ALA A 320 -34.43 -7.07 -1.13
N TRP A 321 -33.73 -5.93 -1.24
CA TRP A 321 -34.25 -4.67 -0.71
C TRP A 321 -35.55 -4.22 -1.45
N GLU A 322 -35.51 -4.17 -2.80
CA GLU A 322 -36.61 -3.71 -3.64
C GLU A 322 -37.80 -4.62 -3.61
N THR A 323 -37.60 -5.95 -3.57
CA THR A 323 -38.72 -6.91 -3.53
C THR A 323 -39.20 -7.15 -2.07
N GLY A 324 -38.31 -6.97 -1.10
CA GLY A 324 -38.61 -7.20 0.30
C GLY A 324 -38.43 -8.65 0.69
N LYS A 325 -37.91 -9.48 -0.23
CA LYS A 325 -37.73 -10.92 -0.05
C LYS A 325 -36.27 -11.29 0.17
N GLY A 326 -36.01 -12.09 1.22
CA GLY A 326 -34.66 -12.58 1.56
C GLY A 326 -33.75 -11.54 2.19
N LEU A 327 -34.35 -10.58 2.95
CA LEU A 327 -33.64 -9.50 3.63
C LEU A 327 -32.85 -10.01 4.82
N GLU A 328 -33.24 -11.19 5.36
CA GLU A 328 -32.55 -11.79 6.51
C GLU A 328 -31.12 -12.15 6.10
N ARG A 329 -30.94 -12.60 4.83
CA ARG A 329 -29.67 -12.98 4.26
C ARG A 329 -28.76 -11.76 4.14
N VAL A 330 -29.32 -10.60 3.71
CA VAL A 330 -28.59 -9.34 3.54
C VAL A 330 -28.17 -8.78 4.90
N ALA A 331 -29.08 -8.85 5.91
CA ALA A 331 -28.80 -8.41 7.28
C ALA A 331 -27.69 -9.29 7.89
N LYS A 332 -27.70 -10.62 7.64
CA LYS A 332 -26.65 -11.53 8.14
C LYS A 332 -25.30 -11.15 7.48
N TYR A 333 -25.30 -10.84 6.17
CA TYR A 333 -24.12 -10.43 5.43
C TYR A 333 -23.53 -9.14 6.04
N SER A 334 -24.38 -8.15 6.31
CA SER A 334 -23.99 -6.86 6.91
C SER A 334 -23.37 -7.07 8.29
N MET A 335 -24.01 -7.92 9.14
CA MET A 335 -23.56 -8.27 10.49
C MET A 335 -22.17 -8.91 10.44
N GLU A 336 -22.00 -9.95 9.57
CA GLU A 336 -20.73 -10.67 9.42
C GLU A 336 -19.64 -9.75 8.91
N ASP A 337 -19.98 -8.78 8.03
CA ASP A 337 -19.02 -7.82 7.51
C ASP A 337 -18.41 -7.02 8.67
N ALA A 338 -19.25 -6.49 9.59
CA ALA A 338 -18.77 -5.75 10.77
C ALA A 338 -18.03 -6.70 11.74
N LYS A 339 -18.59 -7.89 11.99
CA LYS A 339 -17.99 -8.89 12.88
C LYS A 339 -16.55 -9.25 12.48
N VAL A 340 -16.33 -9.62 11.22
CA VAL A 340 -15.00 -9.99 10.77
C VAL A 340 -14.10 -8.76 10.63
N THR A 341 -14.68 -7.56 10.39
CA THR A 341 -13.87 -6.33 10.29
C THR A 341 -13.27 -6.06 11.67
N PHE A 342 -14.04 -6.28 12.77
CA PHE A 342 -13.57 -6.12 14.14
C PHE A 342 -12.45 -7.11 14.42
N GLU A 343 -12.69 -8.39 14.06
CA GLU A 343 -11.74 -9.49 14.27
C GLU A 343 -10.44 -9.22 13.55
N LEU A 344 -10.53 -8.77 12.29
CA LEU A 344 -9.35 -8.46 11.51
C LEU A 344 -8.59 -7.24 12.08
N GLY A 345 -9.31 -6.22 12.55
CA GLY A 345 -8.71 -5.04 13.14
C GLY A 345 -7.85 -5.35 14.35
N LYS A 346 -8.35 -6.21 15.24
CA LYS A 346 -7.64 -6.65 16.44
C LYS A 346 -6.36 -7.44 16.07
N GLU A 347 -6.44 -8.18 14.98
CA GLU A 347 -5.34 -8.97 14.46
C GLU A 347 -4.21 -8.09 13.90
N PHE A 348 -4.56 -7.09 13.07
CA PHE A 348 -3.63 -6.22 12.34
C PHE A 348 -3.20 -4.91 13.02
N PHE A 349 -3.96 -4.43 13.98
CA PHE A 349 -3.59 -3.20 14.66
C PHE A 349 -2.27 -3.25 15.46
N PRO A 350 -1.93 -4.33 16.25
CA PRO A 350 -0.72 -4.26 17.09
C PRO A 350 0.57 -4.00 16.35
N MET A 351 0.71 -4.60 15.15
CA MET A 351 1.91 -4.42 14.33
C MET A 351 1.98 -2.99 13.77
N GLU A 352 0.84 -2.42 13.35
CA GLU A 352 0.79 -1.05 12.87
C GLU A 352 1.09 -0.10 14.01
N ALA A 353 0.67 -0.44 15.25
CA ALA A 353 0.94 0.40 16.42
C ALA A 353 2.46 0.45 16.70
N GLN A 354 3.16 -0.69 16.54
CA GLN A 354 4.60 -0.74 16.81
C GLN A 354 5.38 -0.07 15.71
N LEU A 355 4.88 -0.15 14.47
CA LEU A 355 5.54 0.50 13.35
C LEU A 355 5.45 2.02 13.54
N ALA A 356 4.27 2.53 13.96
CA ALA A 356 4.04 3.96 14.27
C ALA A 356 5.03 4.45 15.31
N ARG A 357 5.16 3.73 16.43
CA ARG A 357 6.09 3.99 17.51
C ARG A 357 7.54 4.05 17.00
N LEU A 358 7.97 3.03 16.22
CA LEU A 358 9.33 2.87 15.67
C LEU A 358 9.73 4.03 14.77
N VAL A 359 8.82 4.48 13.91
CA VAL A 359 9.00 5.51 12.89
C VAL A 359 8.66 6.90 13.51
N GLY A 360 7.89 6.92 14.58
CA GLY A 360 7.54 8.15 15.28
C GLY A 360 6.51 9.00 14.57
N GLN A 361 5.48 8.36 13.98
CA GLN A 361 4.39 9.05 13.30
C GLN A 361 3.10 8.30 13.59
N PRO A 362 1.90 8.98 13.55
CA PRO A 362 0.67 8.32 13.97
C PRO A 362 0.29 7.15 13.10
N VAL A 363 -0.41 6.15 13.70
CA VAL A 363 -0.92 4.96 13.00
C VAL A 363 -1.75 5.39 11.78
N TRP A 364 -2.56 6.48 11.85
CA TRP A 364 -3.37 6.86 10.69
C TRP A 364 -2.48 6.96 9.45
N ASP A 365 -1.38 7.73 9.57
CA ASP A 365 -0.42 7.99 8.53
C ASP A 365 0.40 6.73 8.19
N VAL A 366 0.95 6.05 9.21
CA VAL A 366 1.81 4.87 9.04
C VAL A 366 1.05 3.69 8.40
N SER A 367 -0.23 3.46 8.76
CA SER A 367 -1.02 2.35 8.20
C SER A 367 -1.32 2.58 6.74
N ARG A 368 -1.26 3.82 6.27
CA ARG A 368 -1.56 4.14 4.88
C ARG A 368 -0.28 4.41 4.05
N SER A 369 0.90 4.04 4.56
CA SER A 369 2.09 4.36 3.78
C SER A 369 2.93 3.14 3.43
N SER A 370 3.70 3.26 2.34
CA SER A 370 4.62 2.24 1.85
C SER A 370 5.81 2.07 2.82
N THR A 371 6.61 1.00 2.68
CA THR A 371 7.77 0.84 3.56
C THR A 371 8.81 1.91 3.21
N GLY A 372 8.80 2.38 1.97
CA GLY A 372 9.72 3.42 1.57
C GLY A 372 9.48 4.70 2.33
N ASN A 373 8.21 5.05 2.57
CA ASN A 373 7.86 6.24 3.36
C ASN A 373 8.10 6.01 4.82
N LEU A 374 7.94 4.76 5.32
CA LEU A 374 8.21 4.48 6.72
C LEU A 374 9.69 4.72 6.99
N VAL A 375 10.56 4.25 6.08
CA VAL A 375 12.01 4.47 6.16
C VAL A 375 12.28 6.00 6.17
N GLU A 376 11.70 6.73 5.23
CA GLU A 376 11.94 8.17 5.12
C GLU A 376 11.52 8.94 6.36
N TRP A 377 10.39 8.52 6.98
CA TRP A 377 9.89 9.15 8.19
C TRP A 377 10.84 8.91 9.37
N PHE A 378 11.40 7.70 9.42
CA PHE A 378 12.36 7.27 10.43
C PHE A 378 13.64 8.08 10.25
N LEU A 379 14.11 8.23 8.98
CA LEU A 379 15.31 9.00 8.65
C LEU A 379 15.16 10.53 8.94
N LEU A 380 13.99 11.14 8.70
CA LEU A 380 13.79 12.56 8.95
C LEU A 380 13.88 12.90 10.41
N ARG A 381 13.38 12.00 11.26
CA ARG A 381 13.43 12.14 12.69
C ARG A 381 14.88 12.00 13.19
N LYS A 382 15.62 10.99 12.67
CA LYS A 382 17.00 10.73 13.04
C LYS A 382 17.89 11.86 12.54
N ALA A 383 17.60 12.45 11.34
CA ALA A 383 18.35 13.59 10.82
C ALA A 383 18.19 14.79 11.75
N TYR A 384 17.00 15.00 12.35
CA TYR A 384 16.79 16.11 13.30
C TYR A 384 17.62 15.89 14.57
N GLU A 385 17.52 14.66 15.12
CA GLU A 385 18.26 14.22 16.30
C GLU A 385 19.75 14.40 16.08
N ARG A 386 20.25 14.17 14.85
CA ARG A 386 21.69 14.24 14.51
C ARG A 386 22.13 15.55 13.87
N ASN A 387 21.24 16.52 13.73
CA ASN A 387 21.55 17.83 13.16
C ASN A 387 22.04 17.65 11.71
N GLU A 388 21.36 16.80 10.98
CA GLU A 388 21.66 16.51 9.60
C GLU A 388 20.56 17.06 8.79
N LEU A 389 20.88 17.99 7.91
CA LEU A 389 19.92 18.63 7.00
C LEU A 389 19.37 17.53 6.07
N ALA A 390 18.09 17.45 5.92
CA ALA A 390 17.55 16.43 5.03
C ALA A 390 17.72 16.83 3.54
N PRO A 391 18.15 15.90 2.67
CA PRO A 391 18.11 16.20 1.23
C PRO A 391 16.66 16.32 0.80
N ASN A 392 16.46 16.97 -0.35
CA ASN A 392 15.13 17.19 -0.88
C ASN A 392 14.62 16.01 -1.66
N LYS A 393 13.29 15.93 -1.75
CA LYS A 393 12.59 14.98 -2.60
C LYS A 393 12.92 15.43 -4.03
N PRO A 394 12.99 14.50 -4.99
CA PRO A 394 13.33 14.92 -6.35
C PRO A 394 12.23 15.70 -7.06
N ASP A 395 12.59 16.52 -8.06
CA ASP A 395 11.62 17.18 -8.94
C ASP A 395 11.10 16.13 -9.94
N GLU A 396 10.10 16.45 -10.80
CA GLU A 396 9.55 15.47 -11.75
C GLU A 396 10.64 14.90 -12.63
N ARG A 397 11.45 15.78 -13.29
CA ARG A 397 12.55 15.40 -14.18
C ARG A 397 13.53 14.43 -13.50
N GLU A 398 13.97 14.73 -12.25
CA GLU A 398 14.90 13.87 -11.47
C GLU A 398 14.26 12.53 -11.16
N TYR A 399 12.99 12.55 -10.69
CA TYR A 399 12.19 11.35 -10.37
C TYR A 399 12.13 10.44 -11.60
N GLU A 400 11.87 11.04 -12.80
CA GLU A 400 11.81 10.36 -14.08
C GLU A 400 13.19 9.83 -14.52
N ARG A 401 14.27 10.63 -14.34
CA ARG A 401 15.66 10.24 -14.64
C ARG A 401 16.05 9.05 -13.77
N ARG A 402 15.53 8.98 -12.51
CA ARG A 402 15.79 7.90 -11.54
C ARG A 402 15.10 6.63 -11.99
N LEU A 403 13.83 6.73 -12.48
CA LEU A 403 13.08 5.57 -12.96
C LEU A 403 13.76 4.93 -14.20
N ARG A 404 14.47 5.74 -15.02
CA ARG A 404 15.18 5.33 -16.24
C ARG A 404 16.66 4.91 -16.01
N GLU A 405 17.15 4.92 -14.74
CA GLU A 405 18.52 4.52 -14.39
C GLU A 405 18.71 3.02 -14.50
N SER A 406 19.82 2.63 -15.17
CA SER A 406 20.17 1.24 -15.41
C SER A 406 21.23 0.76 -14.40
N TYR A 407 20.93 -0.39 -13.77
CA TYR A 407 21.73 -1.05 -12.75
C TYR A 407 22.50 -2.24 -13.32
N GLU A 408 23.84 -2.21 -13.21
CA GLU A 408 24.69 -3.31 -13.69
C GLU A 408 24.73 -4.40 -12.63
N GLY A 409 24.85 -5.66 -13.07
CA GLY A 409 24.81 -6.82 -12.19
C GLY A 409 23.37 -7.24 -11.97
N VAL A 412 20.66 -13.36 -11.00
CA VAL A 412 19.32 -12.87 -11.34
C VAL A 412 19.03 -13.21 -12.82
N LYS A 413 19.10 -14.53 -13.13
CA LYS A 413 18.90 -15.07 -14.47
C LYS A 413 17.42 -15.38 -14.78
N GLU A 414 17.13 -15.72 -16.04
CA GLU A 414 15.79 -16.14 -16.48
C GLU A 414 15.45 -17.47 -15.75
N PRO A 415 14.22 -17.66 -15.29
CA PRO A 415 13.96 -18.89 -14.54
C PRO A 415 13.83 -20.13 -15.45
N GLU A 416 13.85 -21.31 -14.82
CA GLU A 416 13.72 -22.57 -15.50
C GLU A 416 12.30 -22.68 -16.08
N LYS A 417 12.19 -23.28 -17.25
CA LYS A 417 10.90 -23.45 -17.93
C LYS A 417 10.20 -24.69 -17.37
N GLY A 418 8.93 -24.82 -17.69
CA GLY A 418 8.15 -26.00 -17.33
C GLY A 418 7.55 -26.01 -15.95
N LEU A 419 6.86 -27.12 -15.67
CA LEU A 419 6.15 -27.30 -14.41
C LEU A 419 6.99 -28.14 -13.46
N TRP A 420 7.28 -27.56 -12.28
CA TRP A 420 8.09 -28.18 -11.25
C TRP A 420 7.27 -28.61 -10.08
N GLU A 421 7.66 -29.72 -9.45
CA GLU A 421 7.04 -30.32 -8.26
C GLU A 421 7.91 -30.19 -7.03
N GLY A 422 7.30 -30.10 -5.87
CA GLY A 422 7.97 -30.05 -4.58
C GLY A 422 9.02 -28.97 -4.49
N ILE A 423 8.56 -27.72 -4.40
CA ILE A 423 9.38 -26.51 -4.40
C ILE A 423 9.53 -25.86 -3.03
N VAL A 424 10.78 -25.63 -2.60
CA VAL A 424 11.10 -24.92 -1.36
C VAL A 424 11.42 -23.49 -1.71
N SER A 425 10.91 -22.54 -0.92
CA SER A 425 11.17 -21.12 -1.09
C SER A 425 12.11 -20.67 -0.01
N LEU A 426 13.24 -20.02 -0.39
CA LEU A 426 14.22 -19.42 0.51
C LEU A 426 14.24 -17.91 0.35
N ASP A 427 14.33 -17.19 1.46
CA ASP A 427 14.30 -15.74 1.53
C ASP A 427 15.69 -15.14 1.90
N PHE A 428 16.23 -14.19 1.09
CA PHE A 428 17.54 -13.55 1.30
C PHE A 428 17.52 -12.19 1.99
N ARG A 429 16.36 -11.57 2.14
CA ARG A 429 16.18 -10.20 2.60
C ARG A 429 16.94 -9.81 3.87
N SER A 430 17.15 -10.74 4.83
CA SER A 430 17.85 -10.40 6.09
C SER A 430 19.37 -10.38 5.96
N LEU A 431 19.84 -10.52 4.74
CA LEU A 431 21.27 -10.48 4.40
C LEU A 431 21.72 -9.04 4.19
N TYR A 432 20.87 -8.19 3.54
CA TYR A 432 21.19 -6.83 3.11
C TYR A 432 21.44 -5.82 4.22
N PRO A 433 20.68 -5.71 5.34
CA PRO A 433 21.09 -4.72 6.38
C PRO A 433 22.52 -4.97 6.86
N SER A 434 22.92 -6.23 7.04
CA SER A 434 24.27 -6.51 7.49
C SER A 434 25.31 -6.07 6.45
N ILE A 435 24.99 -6.15 5.15
CA ILE A 435 25.93 -5.74 4.10
C ILE A 435 26.09 -4.22 4.14
N ILE A 436 24.96 -3.46 4.28
CA ILE A 436 24.95 -1.99 4.36
C ILE A 436 25.85 -1.54 5.52
N ILE A 437 25.70 -2.18 6.69
CA ILE A 437 26.48 -1.82 7.86
C ILE A 437 27.99 -2.15 7.74
N THR A 438 28.33 -3.40 7.34
CA THR A 438 29.74 -3.80 7.28
C THR A 438 30.51 -3.01 6.23
N HIS A 439 29.88 -2.66 5.10
CA HIS A 439 30.60 -1.93 4.05
C HIS A 439 30.30 -0.45 4.07
N ASN A 440 29.67 0.06 5.15
CA ASN A 440 29.38 1.48 5.39
C ASN A 440 28.75 2.13 4.16
N VAL A 441 27.76 1.45 3.59
CA VAL A 441 27.08 1.86 2.34
C VAL A 441 26.06 2.99 2.66
N SER A 442 26.39 4.20 2.22
CA SER A 442 25.62 5.40 2.51
C SER A 442 25.92 6.47 1.48
N PRO A 443 24.91 7.35 1.14
CA PRO A 443 25.17 8.39 0.15
C PRO A 443 26.24 9.38 0.60
N ASP A 444 26.38 9.59 1.93
CA ASP A 444 27.37 10.48 2.56
C ASP A 444 28.77 9.88 2.60
N THR A 445 28.94 8.59 2.30
CA THR A 445 30.28 7.95 2.32
C THR A 445 30.72 7.59 0.90
N LEU A 446 29.82 7.68 -0.09
CA LEU A 446 30.08 7.35 -1.48
C LEU A 446 31.07 8.31 -2.08
N ASN A 447 32.14 7.75 -2.71
CA ASN A 447 33.22 8.43 -3.45
C ASN A 447 33.60 9.76 -2.80
N ARG A 448 34.03 9.70 -1.54
CA ARG A 448 34.44 10.85 -0.74
C ARG A 448 35.87 11.28 -1.09
N GLU A 449 36.10 12.58 -1.23
CA GLU A 449 37.45 13.05 -1.52
C GLU A 449 38.29 13.05 -0.24
N ASN A 450 39.60 12.73 -0.42
CA ASN A 450 40.65 12.71 0.59
C ASN A 450 40.32 11.70 1.68
N CYS A 451 39.69 10.60 1.25
CA CYS A 451 39.33 9.53 2.16
C CYS A 451 40.56 8.62 2.38
N LYS A 452 40.85 8.26 3.62
CA LYS A 452 42.02 7.47 3.98
C LYS A 452 41.78 5.99 3.71
N GLU A 453 40.63 5.44 4.12
CA GLU A 453 40.32 4.03 3.89
C GLU A 453 38.95 3.85 3.30
N TYR A 454 38.83 2.95 2.32
CA TYR A 454 37.54 2.73 1.67
C TYR A 454 37.38 1.29 1.26
N ASP A 455 36.10 0.90 1.10
CA ASP A 455 35.60 -0.38 0.64
C ASP A 455 35.14 -0.19 -0.78
N VAL A 456 35.56 -1.08 -1.66
CA VAL A 456 35.26 -1.04 -3.09
C VAL A 456 34.24 -2.14 -3.38
N ALA A 457 33.08 -1.77 -3.96
CA ALA A 457 32.06 -2.73 -4.30
C ALA A 457 32.52 -3.67 -5.41
N PRO A 458 32.36 -5.02 -5.27
CA PRO A 458 32.77 -5.91 -6.37
C PRO A 458 32.00 -5.59 -7.67
N GLN A 459 32.69 -5.71 -8.84
CA GLN A 459 32.14 -5.50 -10.21
C GLN A 459 31.79 -4.04 -10.53
N VAL A 460 30.99 -3.34 -9.70
CA VAL A 460 30.56 -1.96 -9.95
C VAL A 460 31.59 -0.88 -9.48
N GLY A 461 32.47 -1.24 -8.56
CA GLY A 461 33.60 -0.45 -8.13
C GLY A 461 33.37 0.84 -7.37
N HIS A 462 32.14 1.05 -6.86
CA HIS A 462 31.84 2.24 -6.06
C HIS A 462 32.60 2.19 -4.75
N ARG A 463 33.15 3.35 -4.31
CA ARG A 463 33.97 3.44 -3.11
C ARG A 463 33.20 4.06 -1.96
N PHE A 464 33.19 3.38 -0.82
CA PHE A 464 32.57 3.90 0.38
C PHE A 464 33.62 4.14 1.45
N CYS A 465 33.74 5.39 1.84
CA CYS A 465 34.64 5.83 2.88
C CYS A 465 34.38 5.09 4.19
N LYS A 466 35.46 4.65 4.84
CA LYS A 466 35.48 3.95 6.13
C LYS A 466 35.83 4.91 7.29
N ASP A 467 36.23 6.17 6.99
CA ASP A 467 36.73 7.12 8.01
C ASP A 467 35.73 7.55 9.11
N PHE A 468 34.43 7.45 8.84
CA PHE A 468 33.37 7.79 9.77
C PHE A 468 32.17 6.89 9.43
N PRO A 469 31.32 6.49 10.41
CA PRO A 469 30.12 5.69 10.05
C PRO A 469 29.14 6.53 9.24
N GLY A 470 28.60 5.95 8.18
CA GLY A 470 27.62 6.63 7.36
C GLY A 470 26.33 6.79 8.15
N PHE A 471 25.54 7.81 7.78
CA PHE A 471 24.27 8.13 8.44
C PHE A 471 23.34 6.90 8.47
N ILE A 472 23.07 6.28 7.31
CA ILE A 472 22.19 5.11 7.23
C ILE A 472 22.86 3.86 7.88
N PRO A 473 24.14 3.45 7.60
CA PRO A 473 24.71 2.32 8.34
C PRO A 473 24.65 2.50 9.87
N SER A 474 24.89 3.71 10.37
CA SER A 474 24.85 4.04 11.79
C SER A 474 23.47 3.71 12.39
N LEU A 475 22.40 4.20 11.75
CA LEU A 475 21.03 3.94 12.18
C LEU A 475 20.64 2.47 12.10
N LEU A 476 21.00 1.78 11.00
CA LEU A 476 20.75 0.34 10.82
C LEU A 476 21.39 -0.52 11.92
N GLY A 477 22.66 -0.21 12.22
CA GLY A 477 23.42 -0.86 13.28
C GLY A 477 22.70 -0.79 14.62
N ASN A 478 22.15 0.41 14.94
CA ASN A 478 21.41 0.65 16.17
C ASN A 478 20.11 -0.13 16.17
N LEU A 479 19.42 -0.19 15.00
CA LEU A 479 18.17 -0.96 14.88
C LEU A 479 18.43 -2.46 15.13
N LEU A 480 19.45 -3.04 14.49
CA LEU A 480 19.76 -4.47 14.63
C LEU A 480 20.17 -4.79 16.05
N GLU A 481 20.90 -3.89 16.69
CA GLU A 481 21.35 -4.06 18.07
C GLU A 481 20.14 -4.06 19.01
N GLU A 482 19.21 -3.13 18.78
CA GLU A 482 17.99 -3.00 19.56
C GLU A 482 17.14 -4.27 19.41
N ARG A 483 17.06 -4.83 18.19
CA ARG A 483 16.30 -6.07 17.94
C ARG A 483 16.93 -7.24 18.71
N GLN A 484 18.28 -7.31 18.78
CA GLN A 484 18.99 -8.39 19.48
C GLN A 484 18.74 -8.32 20.97
N LYS A 485 18.67 -7.09 21.53
CA LYS A 485 18.36 -6.86 22.94
C LYS A 485 16.94 -7.33 23.22
N ILE A 486 15.96 -6.95 22.36
CA ILE A 486 14.54 -7.34 22.46
C ILE A 486 14.43 -8.88 22.42
N LYS A 487 15.08 -9.53 21.43
CA LYS A 487 15.06 -10.99 21.31
C LYS A 487 15.61 -11.67 22.59
N LYS A 488 16.70 -11.10 23.18
CA LYS A 488 17.33 -11.60 24.41
C LYS A 488 16.39 -11.41 25.59
N ARG A 489 15.73 -10.23 25.69
CA ARG A 489 14.79 -9.92 26.77
C ARG A 489 13.60 -10.87 26.70
N MET A 490 13.24 -11.32 25.46
CA MET A 490 12.14 -12.25 25.18
C MET A 490 12.45 -13.62 25.74
N LYS A 491 13.70 -14.14 25.54
CA LYS A 491 14.14 -15.45 26.05
C LYS A 491 14.08 -15.48 27.60
N GLU A 492 14.51 -14.36 28.25
CA GLU A 492 14.60 -14.18 29.69
C GLU A 492 13.27 -13.75 30.37
N SER A 493 12.17 -13.58 29.61
CA SER A 493 10.88 -13.12 30.18
C SER A 493 9.93 -14.26 30.51
N LYS A 494 9.29 -14.17 31.69
CA LYS A 494 8.29 -15.13 32.16
C LYS A 494 6.87 -14.62 31.88
N ASP A 495 6.70 -13.26 31.76
CA ASP A 495 5.46 -12.53 31.47
C ASP A 495 5.06 -12.71 29.99
N PRO A 496 3.96 -13.43 29.68
CA PRO A 496 3.60 -13.65 28.26
C PRO A 496 3.06 -12.38 27.57
N VAL A 497 2.60 -11.40 28.37
CA VAL A 497 2.06 -10.10 27.91
C VAL A 497 3.20 -9.29 27.32
N GLU A 498 4.33 -9.15 28.08
CA GLU A 498 5.54 -8.43 27.69
C GLU A 498 6.15 -9.12 26.47
N LYS A 499 6.19 -10.48 26.49
CA LYS A 499 6.71 -11.32 25.41
C LYS A 499 5.99 -11.07 24.09
N LYS A 500 4.64 -10.99 24.13
CA LYS A 500 3.79 -10.75 22.95
C LYS A 500 4.08 -9.39 22.36
N LEU A 501 4.18 -8.36 23.23
CA LEU A 501 4.48 -6.97 22.89
C LEU A 501 5.90 -6.89 22.27
N LEU A 502 6.90 -7.50 22.95
CA LEU A 502 8.31 -7.53 22.48
C LEU A 502 8.42 -8.26 21.14
N ASP A 503 7.55 -9.25 20.88
CA ASP A 503 7.54 -10.00 19.62
C ASP A 503 7.16 -9.08 18.49
N TYR A 504 6.13 -8.24 18.73
CA TYR A 504 5.69 -7.25 17.74
C TYR A 504 6.79 -6.20 17.49
N ARG A 505 7.46 -5.70 18.56
CA ARG A 505 8.53 -4.69 18.45
C ARG A 505 9.74 -5.23 17.64
N GLN A 506 10.18 -6.48 17.88
CA GLN A 506 11.30 -7.05 17.14
C GLN A 506 10.92 -7.30 15.65
N ARG A 507 9.64 -7.64 15.37
CA ARG A 507 9.17 -7.84 13.99
C ARG A 507 9.12 -6.49 13.23
N ALA A 508 8.77 -5.39 13.94
CA ALA A 508 8.69 -4.03 13.39
C ALA A 508 10.07 -3.58 12.94
N ILE A 509 11.13 -3.91 13.72
CA ILE A 509 12.51 -3.55 13.37
C ILE A 509 12.93 -4.34 12.13
N LYS A 510 12.66 -5.66 12.11
CA LYS A 510 12.94 -6.53 10.99
C LYS A 510 12.31 -5.98 9.72
N ILE A 511 11.03 -5.57 9.77
CA ILE A 511 10.33 -4.99 8.62
C ILE A 511 11.02 -3.69 8.19
N LEU A 512 11.28 -2.76 9.13
CA LEU A 512 11.93 -1.49 8.78
C LEU A 512 13.37 -1.69 8.29
N ALA A 513 14.18 -2.52 8.96
CA ALA A 513 15.56 -2.74 8.56
C ALA A 513 15.63 -3.39 7.17
N ASN A 514 14.70 -4.34 6.86
CA ASN A 514 14.70 -5.03 5.58
C ASN A 514 14.16 -4.16 4.43
N SER A 515 13.80 -2.92 4.72
CA SER A 515 13.28 -1.94 3.74
C SER A 515 14.35 -0.96 3.27
N TYR A 516 15.54 -0.91 3.91
CA TYR A 516 16.58 0.05 3.55
C TYR A 516 17.16 -0.25 2.19
N TYR A 517 17.44 -1.55 1.89
CA TYR A 517 18.00 -1.94 0.60
C TYR A 517 17.11 -1.38 -0.51
N GLY A 518 15.80 -1.67 -0.41
CA GLY A 518 14.81 -1.19 -1.36
C GLY A 518 14.73 0.31 -1.43
N TYR A 519 14.84 0.96 -0.25
CA TYR A 519 14.72 2.41 -0.12
C TYR A 519 15.81 3.14 -0.91
N TYR A 520 17.04 2.62 -0.91
CA TYR A 520 18.15 3.21 -1.66
C TYR A 520 17.80 3.41 -3.14
N GLY A 521 17.04 2.49 -3.74
CA GLY A 521 16.61 2.52 -5.12
C GLY A 521 15.23 3.09 -5.35
N TYR A 522 14.54 3.52 -4.29
CA TYR A 522 13.21 4.12 -4.38
C TYR A 522 13.34 5.56 -4.93
N ALA A 523 12.82 5.78 -6.14
CA ALA A 523 12.89 7.00 -6.94
C ALA A 523 12.42 8.28 -6.21
N LYS A 524 11.49 8.17 -5.28
CA LYS A 524 11.01 9.34 -4.55
C LYS A 524 11.87 9.62 -3.31
N ALA A 525 12.82 8.70 -2.94
CA ALA A 525 13.61 8.81 -1.71
C ALA A 525 14.47 10.06 -1.68
N ARG A 526 14.55 10.68 -0.50
CA ARG A 526 15.41 11.83 -0.23
C ARG A 526 16.85 11.34 -0.22
N TRP A 527 17.09 10.22 0.49
CA TRP A 527 18.39 9.59 0.63
C TRP A 527 18.57 8.50 -0.42
N TYR A 528 18.02 8.73 -1.62
CA TYR A 528 18.14 7.86 -2.78
C TYR A 528 19.60 7.75 -3.11
N CYS A 529 20.04 6.54 -3.43
CA CYS A 529 21.42 6.34 -3.79
C CYS A 529 21.51 5.09 -4.68
N LYS A 530 21.51 5.34 -5.99
CA LYS A 530 21.64 4.30 -7.02
C LYS A 530 22.94 3.48 -6.77
N GLU A 531 24.07 4.16 -6.54
CA GLU A 531 25.35 3.51 -6.32
C GLU A 531 25.33 2.67 -5.04
N CYS A 532 24.60 3.12 -3.99
CA CYS A 532 24.39 2.36 -2.75
C CYS A 532 23.62 1.05 -3.04
N ALA A 533 22.48 1.15 -3.74
CA ALA A 533 21.64 -0.01 -4.06
C ALA A 533 22.44 -1.02 -4.88
N GLU A 534 23.18 -0.55 -5.92
CA GLU A 534 24.00 -1.36 -6.81
C GLU A 534 25.08 -2.14 -6.06
N SER A 535 25.74 -1.44 -5.14
CA SER A 535 26.83 -1.98 -4.33
C SER A 535 26.30 -3.04 -3.38
N VAL A 536 25.16 -2.81 -2.70
CA VAL A 536 24.52 -3.80 -1.78
C VAL A 536 24.18 -5.06 -2.61
N THR A 537 23.74 -4.89 -3.85
CA THR A 537 23.42 -5.98 -4.78
C THR A 537 24.69 -6.76 -5.08
N ALA A 538 25.77 -6.06 -5.46
CA ALA A 538 27.05 -6.68 -5.82
C ALA A 538 27.64 -7.46 -4.67
N TRP A 539 27.63 -6.91 -3.45
CA TRP A 539 28.13 -7.61 -2.27
C TRP A 539 27.20 -8.74 -1.88
N GLY A 540 25.90 -8.51 -2.00
CA GLY A 540 24.87 -9.50 -1.71
C GLY A 540 25.00 -10.74 -2.55
N ARG A 541 25.29 -10.56 -3.86
CA ARG A 541 25.44 -11.59 -4.88
C ARG A 541 26.45 -12.66 -4.51
N GLN A 542 27.57 -12.28 -3.84
CA GLN A 542 28.64 -13.20 -3.38
C GLN A 542 28.07 -14.28 -2.44
N TYR A 543 27.05 -13.92 -1.62
CA TYR A 543 26.39 -14.82 -0.69
C TYR A 543 25.34 -15.65 -1.41
N ILE A 544 24.60 -15.04 -2.34
CA ILE A 544 23.58 -15.71 -3.15
C ILE A 544 24.25 -16.79 -4.02
N ASP A 545 25.40 -16.47 -4.64
CA ASP A 545 26.18 -17.40 -5.43
C ASP A 545 26.68 -18.54 -4.55
N LEU A 546 27.04 -18.25 -3.29
CA LEU A 546 27.47 -19.26 -2.32
C LEU A 546 26.29 -20.18 -1.97
N VAL A 547 25.10 -19.61 -1.72
CA VAL A 547 23.89 -20.34 -1.38
C VAL A 547 23.54 -21.25 -2.55
N ARG A 548 23.56 -20.71 -3.80
CA ARG A 548 23.25 -21.47 -5.01
C ARG A 548 24.24 -22.65 -5.18
N ARG A 549 25.58 -22.42 -5.08
CA ARG A 549 26.56 -23.52 -5.24
C ARG A 549 26.34 -24.63 -4.20
N GLU A 550 26.12 -24.24 -2.91
CA GLU A 550 25.90 -25.16 -1.80
C GLU A 550 24.60 -25.95 -2.00
N LEU A 551 23.56 -25.30 -2.56
CA LEU A 551 22.30 -25.99 -2.88
C LEU A 551 22.52 -27.05 -3.96
N GLU A 552 23.19 -26.69 -5.06
CA GLU A 552 23.46 -27.60 -6.17
C GLU A 552 24.38 -28.76 -5.76
N SER A 553 25.35 -28.54 -4.81
CA SER A 553 26.21 -29.62 -4.31
C SER A 553 25.39 -30.64 -3.50
N ARG A 554 24.20 -30.22 -3.02
CA ARG A 554 23.30 -31.06 -2.24
C ARG A 554 22.18 -31.70 -3.09
N GLY A 555 22.31 -31.60 -4.42
CA GLY A 555 21.37 -32.17 -5.38
C GLY A 555 20.21 -31.26 -5.73
N PHE A 556 20.14 -30.06 -5.13
CA PHE A 556 19.05 -29.12 -5.44
C PHE A 556 19.26 -28.46 -6.81
N LYS A 557 18.16 -28.18 -7.50
CA LYS A 557 18.14 -27.43 -8.75
C LYS A 557 17.47 -26.10 -8.41
N VAL A 558 18.12 -24.98 -8.76
CA VAL A 558 17.53 -23.67 -8.50
C VAL A 558 16.64 -23.31 -9.69
N LEU A 559 15.36 -23.18 -9.44
CA LEU A 559 14.35 -22.92 -10.48
C LEU A 559 14.18 -21.45 -10.78
N TYR A 560 14.32 -20.62 -9.73
CA TYR A 560 14.10 -19.19 -9.80
C TYR A 560 14.94 -18.50 -8.77
N ILE A 561 15.52 -17.36 -9.15
CA ILE A 561 16.32 -16.58 -8.21
C ILE A 561 16.23 -15.09 -8.56
N ASP A 562 16.00 -14.26 -7.54
CA ASP A 562 15.99 -12.81 -7.66
C ASP A 562 16.69 -12.24 -6.41
N THR A 563 16.80 -10.91 -6.25
CA THR A 563 17.48 -10.30 -5.10
C THR A 563 16.80 -10.63 -3.76
N ASP A 564 15.49 -10.97 -3.76
CA ASP A 564 14.72 -11.24 -2.54
C ASP A 564 14.77 -12.71 -2.08
N GLY A 565 14.96 -13.64 -3.01
CA GLY A 565 15.02 -15.06 -2.69
C GLY A 565 15.14 -16.00 -3.87
N LEU A 566 14.91 -17.27 -3.61
CA LEU A 566 14.95 -18.31 -4.64
C LEU A 566 13.92 -19.42 -4.36
N TYR A 567 13.67 -20.21 -5.39
CA TYR A 567 12.83 -21.39 -5.37
C TYR A 567 13.69 -22.52 -5.89
N ALA A 568 13.63 -23.66 -5.23
CA ALA A 568 14.41 -24.81 -5.62
C ALA A 568 13.70 -26.11 -5.32
N THR A 569 14.16 -27.20 -5.91
CA THR A 569 13.65 -28.56 -5.70
C THR A 569 14.79 -29.58 -5.89
N ILE A 570 14.58 -30.85 -5.48
CA ILE A 570 15.51 -31.94 -5.77
C ILE A 570 14.75 -32.74 -6.83
N PRO A 571 15.11 -32.61 -8.13
CA PRO A 571 14.32 -33.27 -9.19
C PRO A 571 14.04 -34.74 -8.90
N GLY A 572 12.75 -35.07 -8.87
CA GLY A 572 12.26 -36.42 -8.64
C GLY A 572 12.30 -36.95 -7.22
N ALA A 573 12.72 -36.13 -6.23
CA ALA A 573 12.78 -36.56 -4.85
C ALA A 573 11.41 -36.52 -4.16
N LYS A 574 11.27 -37.30 -3.06
CA LYS A 574 10.11 -37.32 -2.19
C LYS A 574 10.03 -35.96 -1.49
N HIS A 575 8.82 -35.40 -1.38
CA HIS A 575 8.56 -34.08 -0.80
C HIS A 575 9.09 -33.92 0.64
N GLU A 576 8.94 -34.94 1.51
CA GLU A 576 9.41 -34.84 2.90
C GLU A 576 10.94 -34.76 2.97
N GLU A 577 11.62 -35.39 2.00
CA GLU A 577 13.06 -35.40 1.86
C GLU A 577 13.53 -34.01 1.43
N ILE A 578 12.80 -33.36 0.52
CA ILE A 578 13.09 -32.00 0.02
C ILE A 578 12.97 -31.02 1.20
N LYS A 579 11.87 -31.08 1.96
CA LYS A 579 11.63 -30.24 3.14
C LYS A 579 12.79 -30.40 4.15
N GLU A 580 13.13 -31.65 4.53
CA GLU A 580 14.15 -31.98 5.52
C GLU A 580 15.50 -31.48 5.11
N LYS A 581 15.90 -31.76 3.85
CA LYS A 581 17.17 -31.32 3.26
C LYS A 581 17.29 -29.78 3.22
N ALA A 582 16.21 -29.07 2.86
CA ALA A 582 16.13 -27.61 2.82
C ALA A 582 16.26 -26.98 4.20
N LEU A 583 15.57 -27.56 5.22
CA LEU A 583 15.60 -27.06 6.60
C LEU A 583 17.02 -27.23 7.19
N LYS A 584 17.63 -28.40 6.95
CA LYS A 584 18.98 -28.77 7.36
C LYS A 584 20.00 -27.86 6.65
N PHE A 585 19.74 -27.48 5.40
CA PHE A 585 20.60 -26.58 4.62
C PHE A 585 20.60 -25.18 5.23
N VAL A 586 19.40 -24.61 5.55
CA VAL A 586 19.27 -23.25 6.12
C VAL A 586 20.03 -23.18 7.45
N GLU A 587 19.83 -24.19 8.35
CA GLU A 587 20.50 -24.30 9.65
C GLU A 587 22.02 -24.31 9.45
N TYR A 588 22.51 -25.05 8.43
CA TYR A 588 23.93 -25.20 8.11
C TYR A 588 24.53 -23.90 7.62
N ILE A 589 23.95 -23.29 6.58
CA ILE A 589 24.47 -22.07 5.96
C ILE A 589 24.53 -20.92 6.98
N ASN A 590 23.52 -20.78 7.86
CA ASN A 590 23.47 -19.73 8.87
C ASN A 590 24.56 -19.92 9.91
N SER A 591 25.02 -21.17 10.11
CA SER A 591 26.15 -21.51 10.99
C SER A 591 27.48 -21.12 10.33
N LYS A 592 27.48 -20.96 8.99
CA LYS A 592 28.65 -20.58 8.20
C LYS A 592 28.71 -19.04 8.00
N LEU A 593 27.55 -18.40 7.79
CA LEU A 593 27.43 -16.95 7.60
C LEU A 593 27.82 -16.18 8.87
N PRO A 594 28.70 -15.13 8.74
CA PRO A 594 29.06 -14.33 9.93
C PRO A 594 27.99 -13.31 10.32
N GLY A 595 28.03 -12.91 11.58
CA GLY A 595 27.15 -11.91 12.13
C GLY A 595 25.68 -12.21 12.03
N LEU A 596 24.87 -11.18 11.75
CA LEU A 596 23.42 -11.25 11.67
C LEU A 596 22.93 -11.51 10.21
N LEU A 597 23.81 -12.12 9.34
CA LEU A 597 23.47 -12.54 7.96
C LEU A 597 22.60 -13.78 8.06
N GLU A 598 21.34 -13.67 7.64
CA GLU A 598 20.45 -14.80 7.85
C GLU A 598 19.65 -15.17 6.62
N LEU A 599 19.62 -16.47 6.35
CA LEU A 599 18.82 -17.08 5.32
C LEU A 599 17.60 -17.67 6.01
N GLU A 600 16.44 -17.55 5.37
CA GLU A 600 15.21 -18.04 5.94
C GLU A 600 14.50 -18.99 5.01
N TYR A 601 13.96 -20.07 5.59
CA TYR A 601 13.13 -21.03 4.89
C TYR A 601 11.78 -20.41 4.94
N GLU A 602 11.22 -20.04 3.79
CA GLU A 602 9.95 -19.37 3.72
C GLU A 602 8.75 -20.34 3.66
N GLY A 603 8.80 -21.34 2.81
CA GLY A 603 7.70 -22.28 2.64
C GLY A 603 7.97 -23.37 1.59
N PHE A 604 6.97 -24.25 1.43
CA PHE A 604 6.95 -25.39 0.52
C PHE A 604 5.66 -25.36 -0.32
N TYR A 605 5.80 -25.75 -1.59
CA TYR A 605 4.73 -25.79 -2.59
C TYR A 605 4.75 -27.10 -3.29
N ALA A 606 3.55 -27.68 -3.49
CA ALA A 606 3.34 -28.96 -4.17
C ALA A 606 3.80 -28.88 -5.64
N ARG A 607 3.46 -27.74 -6.33
CA ARG A 607 3.83 -27.45 -7.71
C ARG A 607 3.95 -25.98 -7.96
N GLY A 608 4.63 -25.64 -9.06
CA GLY A 608 4.82 -24.25 -9.46
C GLY A 608 5.52 -24.09 -10.78
N PHE A 609 5.44 -22.90 -11.36
CA PHE A 609 6.11 -22.55 -12.62
C PHE A 609 6.48 -21.08 -12.54
N PHE A 610 7.52 -20.72 -13.31
CA PHE A 610 8.12 -19.41 -13.27
C PHE A 610 8.24 -18.86 -14.66
N VAL A 611 7.71 -17.64 -14.85
CA VAL A 611 7.68 -16.99 -16.16
C VAL A 611 8.93 -16.10 -16.31
N THR A 612 9.06 -15.07 -15.46
CA THR A 612 10.19 -14.15 -15.45
C THR A 612 10.27 -13.54 -14.04
N LYS A 613 11.05 -12.45 -13.88
CA LYS A 613 11.22 -11.73 -12.62
C LYS A 613 9.89 -11.32 -12.05
N LYS A 614 9.59 -11.82 -10.83
CA LYS A 614 8.38 -11.56 -10.04
C LYS A 614 7.05 -11.85 -10.79
N LYS A 615 7.10 -12.86 -11.70
CA LYS A 615 5.99 -13.38 -12.49
C LYS A 615 6.09 -14.90 -12.39
N TYR A 616 5.26 -15.49 -11.51
CA TYR A 616 5.25 -16.93 -11.22
C TYR A 616 3.99 -17.36 -10.49
N ALA A 617 3.73 -18.67 -10.46
CA ALA A 617 2.54 -19.24 -9.83
C ALA A 617 2.89 -20.55 -9.20
N LEU A 618 2.34 -20.77 -8.01
CA LEU A 618 2.59 -21.95 -7.19
C LEU A 618 1.31 -22.48 -6.58
N ILE A 619 1.34 -23.69 -6.02
CA ILE A 619 0.20 -24.28 -5.32
C ILE A 619 0.74 -25.00 -4.10
N ASP A 620 0.20 -24.71 -2.89
CA ASP A 620 0.71 -25.38 -1.69
C ASP A 620 0.07 -26.73 -1.51
N GLU A 621 0.46 -27.43 -0.45
CA GLU A 621 0.00 -28.77 -0.13
C GLU A 621 -1.51 -28.82 0.27
N GLU A 622 -2.10 -27.68 0.60
CA GLU A 622 -3.53 -27.61 0.93
C GLU A 622 -4.37 -27.24 -0.34
N GLY A 623 -3.70 -27.08 -1.47
CA GLY A 623 -4.33 -26.72 -2.74
C GLY A 623 -4.62 -25.25 -3.00
N LYS A 624 -4.02 -24.32 -2.24
CA LYS A 624 -4.22 -22.87 -2.45
C LYS A 624 -3.23 -22.33 -3.48
N ILE A 625 -3.71 -21.76 -4.57
CA ILE A 625 -2.85 -21.18 -5.60
C ILE A 625 -2.31 -19.84 -5.11
N VAL A 626 -1.01 -19.64 -5.28
CA VAL A 626 -0.22 -18.45 -4.90
C VAL A 626 0.52 -17.95 -6.15
N THR A 627 0.16 -16.75 -6.62
CA THR A 627 0.80 -16.14 -7.79
C THR A 627 1.36 -14.78 -7.47
N ARG A 628 2.30 -14.31 -8.33
CA ARG A 628 2.87 -12.98 -8.28
C ARG A 628 2.98 -12.49 -9.73
N GLY A 629 2.44 -11.30 -9.99
CA GLY A 629 2.50 -10.60 -11.28
C GLY A 629 1.89 -11.21 -12.52
N LEU A 630 0.86 -12.07 -12.35
CA LEU A 630 0.21 -12.77 -13.46
C LEU A 630 -1.34 -12.69 -13.52
N GLU A 631 -2.05 -12.78 -12.37
CA GLU A 631 -3.52 -12.79 -12.38
C GLU A 631 -4.11 -11.43 -12.73
N ILE A 632 -5.24 -11.43 -13.47
CA ILE A 632 -5.83 -10.19 -13.98
C ILE A 632 -7.26 -10.01 -13.46
N VAL A 633 -7.42 -10.09 -12.15
CA VAL A 633 -8.75 -9.88 -11.59
C VAL A 633 -8.99 -8.33 -11.40
N ARG A 634 -9.57 -7.69 -12.42
CA ARG A 634 -9.95 -6.27 -12.52
C ARG A 634 -11.13 -6.09 -13.49
N ARG A 635 -12.01 -5.12 -13.23
CA ARG A 635 -13.25 -4.90 -13.98
C ARG A 635 -13.04 -4.45 -15.43
N ASP A 636 -11.87 -3.86 -15.78
CA ASP A 636 -11.57 -3.43 -17.15
C ASP A 636 -11.03 -4.58 -18.07
N TRP A 637 -11.08 -5.84 -17.59
CA TRP A 637 -10.83 -7.05 -18.37
C TRP A 637 -12.11 -7.86 -18.41
N SER A 638 -12.48 -8.39 -19.59
CA SER A 638 -13.72 -9.16 -19.74
C SER A 638 -13.69 -10.44 -18.93
N GLU A 639 -14.87 -10.94 -18.52
CA GLU A 639 -14.98 -12.19 -17.77
C GLU A 639 -14.41 -13.39 -18.56
N ILE A 640 -14.62 -13.42 -19.89
CA ILE A 640 -14.12 -14.51 -20.72
C ILE A 640 -12.58 -14.61 -20.57
N ALA A 641 -11.83 -13.48 -20.52
CA ALA A 641 -10.38 -13.47 -20.35
C ALA A 641 -9.98 -13.91 -18.95
N LYS A 642 -10.67 -13.39 -17.92
CA LYS A 642 -10.37 -13.73 -16.52
C LYS A 642 -10.74 -15.19 -16.17
N GLU A 643 -11.89 -15.70 -16.71
CA GLU A 643 -12.35 -17.08 -16.53
C GLU A 643 -11.37 -18.05 -17.19
N THR A 644 -10.93 -17.74 -18.45
CA THR A 644 -10.00 -18.60 -19.18
C THR A 644 -8.65 -18.64 -18.45
N GLN A 645 -8.21 -17.49 -17.90
CA GLN A 645 -6.94 -17.46 -17.19
C GLN A 645 -7.02 -18.31 -15.94
N ALA A 646 -8.14 -18.23 -15.17
CA ALA A 646 -8.35 -19.08 -13.98
C ALA A 646 -8.32 -20.59 -14.35
N LYS A 647 -8.98 -20.96 -15.47
CA LYS A 647 -9.05 -22.33 -15.98
C LYS A 647 -7.64 -22.83 -16.37
N VAL A 648 -6.83 -21.99 -17.06
CA VAL A 648 -5.45 -22.28 -17.43
C VAL A 648 -4.60 -22.55 -16.15
N LEU A 649 -4.62 -21.64 -15.14
CA LEU A 649 -3.90 -21.84 -13.87
C LEU A 649 -4.36 -23.13 -13.15
N GLU A 650 -5.66 -23.41 -13.14
CA GLU A 650 -6.21 -24.60 -12.50
C GLU A 650 -5.75 -25.87 -13.23
N ALA A 651 -5.79 -25.89 -14.57
CA ALA A 651 -5.35 -27.04 -15.34
C ALA A 651 -3.87 -27.33 -15.07
N ILE A 652 -3.04 -26.29 -15.05
CA ILE A 652 -1.61 -26.40 -14.80
C ILE A 652 -1.33 -26.80 -13.34
N LEU A 653 -1.79 -26.00 -12.35
CA LEU A 653 -1.43 -26.24 -10.95
C LEU A 653 -2.23 -27.35 -10.28
N LYS A 654 -3.56 -27.43 -10.49
CA LYS A 654 -4.38 -28.46 -9.85
C LYS A 654 -4.32 -29.76 -10.62
N HIS A 655 -4.19 -29.73 -11.95
CA HIS A 655 -4.18 -30.97 -12.72
C HIS A 655 -2.80 -31.34 -13.26
N GLY A 656 -1.80 -30.46 -13.11
CA GLY A 656 -0.43 -30.70 -13.55
C GLY A 656 -0.38 -30.91 -15.04
N ASN A 657 -1.39 -30.34 -15.76
CA ASN A 657 -1.64 -30.55 -17.18
C ASN A 657 -1.60 -29.28 -18.06
N VAL A 658 -0.41 -28.92 -18.62
CA VAL A 658 -0.27 -27.75 -19.52
C VAL A 658 -1.00 -28.02 -20.86
N ASP A 659 -1.07 -29.30 -21.27
CA ASP A 659 -1.77 -29.69 -22.47
C ASP A 659 -3.26 -29.37 -22.34
N GLU A 660 -3.86 -29.58 -21.15
CA GLU A 660 -5.25 -29.24 -20.90
C GLU A 660 -5.46 -27.74 -20.99
N ALA A 661 -4.49 -26.95 -20.43
CA ALA A 661 -4.54 -25.49 -20.43
C ALA A 661 -4.55 -24.93 -21.88
N VAL A 662 -3.68 -25.46 -22.76
CA VAL A 662 -3.56 -25.05 -24.18
C VAL A 662 -4.87 -25.39 -24.92
N LYS A 663 -5.45 -26.57 -24.61
CA LYS A 663 -6.73 -26.98 -25.20
C LYS A 663 -7.86 -26.08 -24.74
N ILE A 664 -7.82 -25.55 -23.50
CA ILE A 664 -8.85 -24.65 -22.98
C ILE A 664 -8.84 -23.33 -23.77
N VAL A 665 -7.66 -22.77 -24.00
CA VAL A 665 -7.47 -21.51 -24.74
C VAL A 665 -7.94 -21.69 -26.17
N LYS A 666 -7.50 -22.78 -26.83
CA LYS A 666 -7.87 -23.11 -28.19
C LYS A 666 -9.41 -23.23 -28.35
N GLU A 667 -10.10 -23.90 -27.38
CA GLU A 667 -11.55 -24.08 -27.42
C GLU A 667 -12.25 -22.76 -27.22
N VAL A 668 -11.79 -21.91 -26.27
CA VAL A 668 -12.41 -20.61 -26.00
C VAL A 668 -12.31 -19.69 -27.22
N THR A 669 -11.13 -19.61 -27.87
CA THR A 669 -10.91 -18.78 -29.06
C THR A 669 -11.84 -19.23 -30.20
N GLU A 670 -11.96 -20.54 -30.45
CA GLU A 670 -12.87 -21.05 -31.49
C GLU A 670 -14.34 -20.70 -31.17
N LYS A 671 -14.76 -20.84 -29.88
CA LYS A 671 -16.12 -20.49 -29.44
C LYS A 671 -16.38 -19.01 -29.64
N LEU A 672 -15.37 -18.13 -29.40
CA LEU A 672 -15.49 -16.69 -29.65
C LEU A 672 -15.67 -16.42 -31.14
N SER A 673 -14.93 -17.13 -32.02
CA SER A 673 -15.01 -17.00 -33.49
C SER A 673 -16.38 -17.41 -34.07
N LYS A 674 -17.02 -18.43 -33.46
CA LYS A 674 -18.29 -18.99 -33.89
C LYS A 674 -19.49 -18.37 -33.13
N TYR A 675 -19.25 -17.23 -32.40
CA TYR A 675 -20.23 -16.46 -31.62
C TYR A 675 -21.02 -17.36 -30.65
N GLU A 676 -20.29 -18.25 -29.95
CA GLU A 676 -20.82 -19.22 -29.00
C GLU A 676 -20.65 -18.74 -27.52
N ILE A 677 -20.00 -17.58 -27.33
CA ILE A 677 -19.76 -17.06 -25.98
C ILE A 677 -20.88 -16.09 -25.59
N PRO A 678 -21.51 -16.25 -24.41
CA PRO A 678 -22.55 -15.30 -23.97
C PRO A 678 -22.05 -13.85 -23.98
N PRO A 679 -22.80 -12.88 -24.55
CA PRO A 679 -22.34 -11.47 -24.54
C PRO A 679 -22.04 -10.88 -23.16
N GLU A 680 -22.63 -11.44 -22.09
CA GLU A 680 -22.42 -10.96 -20.73
C GLU A 680 -20.99 -11.18 -20.22
N LYS A 681 -20.27 -12.16 -20.81
CA LYS A 681 -18.88 -12.48 -20.46
C LYS A 681 -17.91 -11.60 -21.26
N LEU A 682 -18.46 -10.67 -22.06
CA LEU A 682 -17.67 -9.79 -22.92
C LEU A 682 -17.73 -8.32 -22.53
N VAL A 683 -18.47 -8.00 -21.48
CA VAL A 683 -18.59 -6.64 -20.98
C VAL A 683 -17.30 -6.22 -20.31
N ILE A 684 -16.85 -5.01 -20.67
CA ILE A 684 -15.67 -4.29 -20.14
C ILE A 684 -16.20 -3.13 -19.35
N TYR A 685 -15.71 -2.93 -18.13
CA TYR A 685 -16.13 -1.83 -17.25
C TYR A 685 -14.98 -0.90 -17.02
N GLU A 686 -15.21 0.42 -17.24
CA GLU A 686 -14.22 1.47 -16.99
C GLU A 686 -14.91 2.72 -16.39
N GLN A 687 -14.34 3.26 -15.34
CA GLN A 687 -14.88 4.44 -14.66
C GLN A 687 -14.61 5.72 -15.43
N ILE A 688 -15.55 6.67 -15.35
CA ILE A 688 -15.41 8.06 -15.79
C ILE A 688 -14.76 8.76 -14.58
N THR A 689 -13.59 9.40 -14.75
CA THR A 689 -12.88 9.99 -13.62
C THR A 689 -12.88 11.53 -13.60
N ARG A 690 -13.45 12.18 -14.63
CA ARG A 690 -13.49 13.65 -14.76
C ARG A 690 -14.65 14.10 -15.63
N PRO A 691 -15.00 15.41 -15.74
CA PRO A 691 -16.01 15.81 -16.72
C PRO A 691 -15.57 15.40 -18.12
N LEU A 692 -16.53 14.92 -18.93
CA LEU A 692 -16.26 14.37 -20.26
C LEU A 692 -15.46 15.31 -21.18
N SER A 693 -15.66 16.62 -21.04
CA SER A 693 -14.95 17.63 -21.82
C SER A 693 -13.42 17.73 -21.51
N GLU A 694 -12.98 17.23 -20.32
CA GLU A 694 -11.59 17.30 -19.84
C GLU A 694 -10.69 16.19 -20.42
N TYR A 695 -11.29 15.18 -21.09
CA TYR A 695 -10.53 14.10 -21.72
C TYR A 695 -9.75 14.60 -22.94
N LYS A 696 -8.48 14.24 -23.02
CA LYS A 696 -7.54 14.55 -24.09
C LYS A 696 -7.50 13.35 -25.09
N ALA A 697 -7.68 12.10 -24.58
CA ALA A 697 -7.73 10.87 -25.36
C ALA A 697 -9.08 10.17 -25.09
N ILE A 698 -9.85 9.93 -26.16
CA ILE A 698 -11.20 9.35 -26.04
C ILE A 698 -11.17 7.83 -26.25
N GLY A 699 -11.13 7.12 -25.13
CA GLY A 699 -11.15 5.67 -25.12
C GLY A 699 -12.58 5.17 -25.30
N PRO A 700 -12.74 3.86 -25.62
CA PRO A 700 -14.10 3.31 -25.85
C PRO A 700 -15.16 3.71 -24.80
N HIS A 701 -14.82 3.71 -23.49
CA HIS A 701 -15.77 4.04 -22.40
C HIS A 701 -16.16 5.50 -22.43
N VAL A 702 -15.29 6.38 -22.96
CA VAL A 702 -15.57 7.82 -23.07
C VAL A 702 -16.49 8.05 -24.28
N ALA A 703 -16.20 7.34 -25.39
CA ALA A 703 -17.03 7.41 -26.59
C ALA A 703 -18.46 6.98 -26.20
N VAL A 704 -18.61 5.88 -25.44
CA VAL A 704 -19.89 5.34 -24.94
C VAL A 704 -20.56 6.35 -23.99
N ALA A 705 -19.79 6.91 -23.04
CA ALA A 705 -20.25 7.91 -22.07
C ALA A 705 -20.81 9.15 -22.75
N LYS A 706 -20.10 9.70 -23.75
CA LYS A 706 -20.52 10.90 -24.46
C LYS A 706 -21.90 10.71 -25.13
N ARG A 707 -22.16 9.49 -25.68
CA ARG A 707 -23.44 9.17 -26.31
C ARG A 707 -24.52 9.13 -25.27
N LEU A 708 -24.22 8.57 -24.08
CA LEU A 708 -25.16 8.48 -22.95
C LEU A 708 -25.54 9.90 -22.50
N ALA A 709 -24.53 10.79 -22.29
CA ALA A 709 -24.77 12.19 -21.89
C ALA A 709 -25.61 12.93 -22.92
N ALA A 710 -25.42 12.62 -24.22
CA ALA A 710 -26.15 13.23 -25.33
C ALA A 710 -27.63 12.83 -25.31
N LYS A 711 -27.94 11.66 -24.73
CA LYS A 711 -29.30 11.10 -24.60
C LYS A 711 -29.98 11.63 -23.33
N GLY A 712 -29.25 12.43 -22.55
CA GLY A 712 -29.72 13.04 -21.31
C GLY A 712 -29.21 12.39 -20.03
N VAL A 713 -28.33 11.36 -20.12
CA VAL A 713 -27.83 10.69 -18.91
C VAL A 713 -26.84 11.62 -18.14
N LYS A 714 -27.06 11.82 -16.83
CA LYS A 714 -26.16 12.65 -16.02
C LYS A 714 -24.86 11.88 -15.81
N VAL A 715 -23.88 12.06 -16.73
CA VAL A 715 -22.59 11.36 -16.61
C VAL A 715 -21.72 12.19 -15.67
N LYS A 716 -21.17 11.53 -14.64
CA LYS A 716 -20.40 12.19 -13.58
C LYS A 716 -19.19 11.38 -13.23
N PRO A 717 -18.08 12.01 -12.74
CA PRO A 717 -16.92 11.22 -12.30
C PRO A 717 -17.33 10.19 -11.22
N GLY A 718 -16.83 8.97 -11.37
CA GLY A 718 -17.20 7.89 -10.46
C GLY A 718 -18.15 6.87 -11.08
N MET A 719 -18.91 7.29 -12.11
CA MET A 719 -19.81 6.39 -12.84
C MET A 719 -18.96 5.41 -13.62
N VAL A 720 -19.31 4.12 -13.52
CA VAL A 720 -18.64 3.00 -14.19
C VAL A 720 -19.42 2.62 -15.48
N ILE A 721 -18.76 2.75 -16.65
CA ILE A 721 -19.31 2.45 -17.96
C ILE A 721 -19.03 1.00 -18.39
N GLY A 722 -20.09 0.27 -18.71
CA GLY A 722 -20.01 -1.09 -19.21
C GLY A 722 -20.24 -1.06 -20.71
N TYR A 723 -19.36 -1.71 -21.47
CA TYR A 723 -19.50 -1.74 -22.92
C TYR A 723 -18.98 -3.05 -23.52
N ILE A 724 -19.35 -3.29 -24.78
CA ILE A 724 -18.94 -4.42 -25.60
C ILE A 724 -18.36 -3.86 -26.88
N VAL A 725 -17.26 -4.46 -27.35
CA VAL A 725 -16.57 -4.08 -28.56
C VAL A 725 -17.25 -4.87 -29.69
N LEU A 726 -17.79 -4.13 -30.68
CA LEU A 726 -18.44 -4.73 -31.81
C LEU A 726 -17.49 -4.86 -32.98
N ARG A 727 -17.86 -5.75 -33.92
CA ARG A 727 -17.13 -6.00 -35.16
C ARG A 727 -17.12 -4.74 -36.03
N GLY A 728 -15.99 -4.46 -36.69
CA GLY A 728 -15.89 -3.32 -37.58
C GLY A 728 -14.50 -2.77 -37.88
N ASP A 729 -14.50 -1.64 -38.61
CA ASP A 729 -13.28 -0.96 -39.04
C ASP A 729 -12.80 0.10 -38.01
N GLY A 730 -11.47 0.17 -37.88
CA GLY A 730 -10.77 1.15 -37.07
C GLY A 730 -10.55 0.89 -35.60
N PRO A 731 -10.25 1.98 -34.84
CA PRO A 731 -10.01 1.84 -33.39
C PRO A 731 -11.30 1.43 -32.66
N ILE A 732 -11.12 0.68 -31.57
CA ILE A 732 -12.18 0.10 -30.78
C ILE A 732 -13.10 1.18 -30.21
N SER A 733 -12.63 2.44 -30.13
CA SER A 733 -13.41 3.58 -29.62
C SER A 733 -14.69 3.81 -30.41
N LYS A 734 -14.60 3.63 -31.72
CA LYS A 734 -15.71 3.87 -32.63
C LYS A 734 -16.65 2.65 -32.73
N ARG A 735 -16.30 1.52 -32.06
CA ARG A 735 -17.09 0.31 -32.21
C ARG A 735 -17.61 -0.24 -30.91
N ALA A 736 -17.41 0.49 -29.83
CA ALA A 736 -17.90 0.09 -28.53
C ALA A 736 -19.34 0.51 -28.39
N ILE A 737 -20.14 -0.34 -27.78
CA ILE A 737 -21.56 -0.07 -27.52
C ILE A 737 -21.84 -0.23 -26.01
N ALA A 738 -22.72 0.64 -25.45
CA ALA A 738 -23.16 0.56 -24.05
C ALA A 738 -23.85 -0.80 -23.83
N ILE A 739 -23.53 -1.51 -22.72
CA ILE A 739 -24.08 -2.85 -22.44
C ILE A 739 -25.65 -2.84 -22.46
N GLU A 740 -26.30 -1.75 -21.98
CA GLU A 740 -27.76 -1.61 -21.99
C GLU A 740 -28.32 -1.48 -23.43
N GLU A 741 -27.52 -1.03 -24.41
CA GLU A 741 -27.90 -0.89 -25.82
C GLU A 741 -27.62 -2.13 -26.68
N PHE A 742 -26.83 -3.10 -26.15
CA PHE A 742 -26.48 -4.31 -26.87
C PHE A 742 -27.72 -5.18 -27.11
N ASP A 743 -27.94 -5.55 -28.38
CA ASP A 743 -29.05 -6.37 -28.87
C ASP A 743 -28.43 -7.61 -29.56
N PRO A 744 -28.43 -8.78 -28.88
CA PRO A 744 -27.78 -9.99 -29.47
C PRO A 744 -28.31 -10.40 -30.84
N LYS A 745 -29.56 -10.02 -31.14
CA LYS A 745 -30.23 -10.33 -32.41
C LYS A 745 -29.84 -9.34 -33.50
N LYS A 746 -29.17 -8.22 -33.14
CA LYS A 746 -28.78 -7.17 -34.09
C LYS A 746 -27.26 -6.93 -34.11
N HIS A 747 -26.62 -6.88 -32.92
CA HIS A 747 -25.20 -6.54 -32.80
C HIS A 747 -24.31 -7.75 -32.75
N LYS A 748 -23.16 -7.67 -33.47
CA LYS A 748 -22.15 -8.72 -33.54
C LYS A 748 -20.82 -8.27 -32.89
N TYR A 749 -20.47 -8.90 -31.75
CA TYR A 749 -19.23 -8.60 -31.00
C TYR A 749 -17.99 -8.91 -31.84
N ASP A 750 -16.86 -8.25 -31.51
CA ASP A 750 -15.60 -8.42 -32.24
C ASP A 750 -14.83 -9.60 -31.68
N ALA A 751 -15.01 -10.77 -32.31
CA ALA A 751 -14.31 -12.01 -31.95
C ALA A 751 -12.78 -11.86 -32.00
N GLU A 752 -12.19 -11.15 -32.99
CA GLU A 752 -10.76 -10.94 -33.11
C GLU A 752 -10.23 -10.08 -31.97
N TYR A 753 -11.01 -9.07 -31.55
CA TYR A 753 -10.63 -8.26 -30.41
C TYR A 753 -10.63 -9.10 -29.11
N TYR A 754 -11.72 -9.84 -28.85
CA TYR A 754 -11.82 -10.65 -27.63
C TYR A 754 -10.79 -11.78 -27.64
N ILE A 755 -10.37 -12.26 -28.82
CA ILE A 755 -9.34 -13.28 -28.90
C ILE A 755 -7.95 -12.64 -28.67
N GLU A 756 -7.55 -11.67 -29.53
CA GLU A 756 -6.21 -11.06 -29.55
C GLU A 756 -5.93 -10.07 -28.45
N ASN A 757 -6.94 -9.36 -27.99
CA ASN A 757 -6.69 -8.32 -27.00
C ASN A 757 -7.20 -8.69 -25.64
N GLN A 758 -7.98 -9.78 -25.51
CA GLN A 758 -8.48 -10.13 -24.18
C GLN A 758 -7.97 -11.49 -23.72
N VAL A 759 -8.43 -12.58 -24.32
CA VAL A 759 -8.10 -13.96 -23.93
C VAL A 759 -6.62 -14.26 -24.11
N LEU A 760 -6.06 -14.06 -25.33
CA LEU A 760 -4.64 -14.38 -25.56
C LEU A 760 -3.67 -13.55 -24.62
N PRO A 761 -3.73 -12.21 -24.46
CA PRO A 761 -2.81 -11.59 -23.49
C PRO A 761 -2.97 -12.14 -22.05
N ALA A 762 -4.18 -12.51 -21.64
CA ALA A 762 -4.40 -13.04 -20.30
C ALA A 762 -3.66 -14.35 -20.04
N VAL A 763 -3.49 -15.19 -21.07
CA VAL A 763 -2.86 -16.51 -20.89
C VAL A 763 -1.46 -16.62 -21.51
N GLU A 764 -1.06 -15.75 -22.47
CA GLU A 764 0.20 -15.90 -23.18
C GLU A 764 1.46 -15.84 -22.28
N ARG A 765 1.47 -15.02 -21.22
CA ARG A 765 2.61 -14.92 -20.31
C ARG A 765 2.79 -16.25 -19.62
N ILE A 766 1.68 -16.78 -19.06
CA ILE A 766 1.66 -18.04 -18.36
C ILE A 766 2.19 -19.15 -19.24
N LEU A 767 1.65 -19.31 -20.45
CA LEU A 767 2.01 -20.41 -21.32
C LEU A 767 3.39 -20.26 -22.03
N ARG A 768 4.05 -19.08 -21.94
CA ARG A 768 5.41 -18.81 -22.43
C ARG A 768 6.41 -19.61 -21.59
N ALA A 769 6.08 -19.86 -20.33
CA ALA A 769 6.90 -20.64 -19.39
C ALA A 769 6.98 -22.09 -19.80
N PHE A 770 6.10 -22.52 -20.73
CA PHE A 770 6.01 -23.91 -21.21
C PHE A 770 6.37 -24.01 -22.68
N GLY A 771 6.99 -22.95 -23.22
CA GLY A 771 7.48 -22.90 -24.58
C GLY A 771 6.47 -22.58 -25.65
N TYR A 772 5.31 -22.04 -25.26
CA TYR A 772 4.26 -21.68 -26.23
C TYR A 772 4.34 -20.21 -26.56
N ARG A 773 4.12 -19.87 -27.82
CA ARG A 773 4.02 -18.48 -28.28
C ARG A 773 2.50 -18.23 -28.49
N LYS A 774 2.10 -16.95 -28.55
CA LYS A 774 0.71 -16.52 -28.72
C LYS A 774 0.00 -17.20 -29.93
N GLU A 775 0.73 -17.53 -31.00
CA GLU A 775 0.18 -18.11 -32.23
C GLU A 775 -0.09 -19.64 -32.12
N ASP A 776 0.41 -20.31 -31.07
CA ASP A 776 0.20 -21.75 -30.92
C ASP A 776 -1.02 -22.04 -30.08
N LEU A 777 -1.73 -21.00 -29.62
CA LEU A 777 -2.88 -21.14 -28.73
C LEU A 777 -4.24 -21.00 -29.46
N LYS A 778 -4.26 -21.32 -30.77
CA LYS A 778 -5.44 -21.30 -31.64
C LYS A 778 -5.43 -22.52 -32.56
N TYR A 779 -6.61 -22.96 -33.09
CA TYR A 779 -6.61 -24.13 -33.98
C TYR A 779 -5.93 -23.84 -35.35
#